data_6GHG
#
_entry.id   6GHG
#
_cell.length_a   59.560
_cell.length_b   59.800
_cell.length_c   79.090
_cell.angle_alpha   99.49
_cell.angle_beta   89.56
_cell.angle_gamma   92.61
#
_symmetry.space_group_name_H-M   'P 1'
#
loop_
_entity.id
_entity.type
_entity.pdbx_description
1 polymer 'Fab heavy chain'
2 polymer 'Fab light chain'
3 non-polymer 'SODIUM ION'
4 non-polymer 'HEXAETHYLENE GLYCOL'
5 water water
#
loop_
_entity_poly.entity_id
_entity_poly.type
_entity_poly.pdbx_seq_one_letter_code
_entity_poly.pdbx_strand_id
1 'polypeptide(L)'
;EVQLLESGGGLVQPGGSLRLSCAASGFTFSSYAMSWVRQAPGKGLEWVSAISGSGGSTYYADSVKGRFTISRDNSKNTLY
LQMNSLRAEDTAVYYCAKGSGFDYWGQGTLVTVSSASTKGPSVFPLAPSSKSTSGGTAALGCLVEDYFPEPVTVSWNSGA
LTSGVHTFPAVLQSSGLYSLSSVVTVPSSSLGTQTYICNVNHKPSNTKVDEKVEPKSC
;
A,H
2 'polypeptide(L)'
;EIVLTQSPGTLSLSPGERATLSCRASQSVSSSYLAWYQQKPGQAPRLLIYGASSRATGIPDRFSGSGSGTDFTLTISRLE
PEDFAVYYCQQYGSSPLTFGQGTKVEIKRTVAAPSVFIFPPSDKKLKSGTASVVCLLNNFYPREAKVQWKVDNALQSGNS
QESVTEQDSKDSTYSLSSTLTLSKADYEKHKVYACEVTHQGLSSPVTKSFNRGEC
;
B,L
#
# COMPACT_ATOMS: atom_id res chain seq x y z
N GLU A 1 25.93 6.40 -12.25
CA GLU A 1 24.84 5.71 -12.92
C GLU A 1 23.57 6.60 -12.92
N VAL A 2 22.91 6.71 -14.08
CA VAL A 2 21.69 7.49 -14.24
C VAL A 2 20.52 6.81 -13.51
N GLN A 3 19.82 7.56 -12.66
CA GLN A 3 18.67 7.04 -11.92
C GLN A 3 17.54 8.08 -11.86
N LEU A 4 16.31 7.61 -12.05
CA LEU A 4 15.08 8.40 -11.99
C LEU A 4 14.11 7.66 -11.07
N LEU A 5 13.79 8.26 -9.92
CA LEU A 5 12.91 7.61 -8.95
C LEU A 5 11.64 8.40 -8.71
N GLU A 6 10.51 7.86 -9.20
CA GLU A 6 9.20 8.48 -9.07
C GLU A 6 8.59 8.23 -7.70
N SER A 7 7.83 9.21 -7.22
CA SER A 7 7.05 9.07 -5.99
C SER A 7 5.79 9.92 -6.10
N GLY A 8 4.85 9.71 -5.17
CA GLY A 8 3.62 10.51 -5.10
C GLY A 8 2.35 9.86 -5.62
N GLY A 9 2.46 8.65 -6.14
CA GLY A 9 1.33 7.90 -6.68
C GLY A 9 0.50 7.26 -5.58
N GLY A 10 -0.73 6.91 -5.93
CA GLY A 10 -1.67 6.30 -5.01
C GLY A 10 -3.11 6.56 -5.42
N LEU A 11 -4.02 6.23 -4.49
CA LEU A 11 -5.46 6.34 -4.67
C LEU A 11 -5.88 7.79 -4.51
N VAL A 12 -6.72 8.27 -5.40
CA VAL A 12 -7.22 9.65 -5.32
C VAL A 12 -8.61 9.67 -5.93
N GLN A 13 -9.46 10.61 -5.49
CA GLN A 13 -10.82 10.73 -6.01
C GLN A 13 -10.88 11.69 -7.22
N PRO A 14 -11.90 11.53 -8.12
CA PRO A 14 -12.07 12.54 -9.19
C PRO A 14 -12.26 13.94 -8.61
N GLY A 15 -11.71 14.93 -9.29
CA GLY A 15 -11.75 16.32 -8.86
C GLY A 15 -10.62 16.66 -7.91
N GLY A 16 -9.96 15.62 -7.37
CA GLY A 16 -8.84 15.73 -6.45
C GLY A 16 -7.51 16.10 -7.09
N SER A 17 -6.50 16.35 -6.23
CA SER A 17 -5.13 16.76 -6.59
C SER A 17 -4.07 15.77 -6.14
N LEU A 18 -3.00 15.68 -6.91
CA LEU A 18 -1.91 14.81 -6.57
C LEU A 18 -0.65 15.44 -7.16
N ARG A 19 0.48 15.34 -6.46
CA ARG A 19 1.73 15.88 -6.96
C ARG A 19 2.71 14.74 -7.04
N LEU A 20 3.18 14.46 -8.25
CA LEU A 20 4.18 13.43 -8.47
C LEU A 20 5.54 14.09 -8.49
N SER A 21 6.55 13.39 -8.01
CA SER A 21 7.90 13.91 -8.06
C SER A 21 8.84 12.86 -8.64
N CYS A 22 9.94 13.31 -9.21
CA CYS A 22 10.93 12.41 -9.77
C CYS A 22 12.30 12.92 -9.36
N ALA A 23 12.98 12.18 -8.48
CA ALA A 23 14.33 12.56 -8.04
C ALA A 23 15.32 11.94 -9.01
N ALA A 24 16.13 12.78 -9.66
CA ALA A 24 17.14 12.37 -10.63
C ALA A 24 18.53 12.40 -10.01
N SER A 25 19.40 11.51 -10.49
CA SER A 25 20.80 11.42 -10.07
C SER A 25 21.62 10.81 -11.23
N GLY A 26 22.93 11.04 -11.23
CA GLY A 26 23.84 10.46 -12.21
C GLY A 26 24.07 11.25 -13.48
N PHE A 27 23.60 12.52 -13.51
CA PHE A 27 23.75 13.38 -14.70
C PHE A 27 23.48 14.82 -14.32
N THR A 28 23.94 15.76 -15.17
CA THR A 28 23.69 17.20 -14.98
C THR A 28 22.23 17.41 -15.42
N PHE A 29 21.32 17.35 -14.43
CA PHE A 29 19.88 17.45 -14.56
C PHE A 29 19.42 18.61 -15.45
N SER A 30 19.95 19.83 -15.20
CA SER A 30 19.61 21.06 -15.94
C SER A 30 19.98 21.05 -17.43
N SER A 31 20.81 20.09 -17.87
CA SER A 31 21.21 19.94 -19.28
C SER A 31 20.22 19.17 -20.13
N TYR A 32 19.19 18.55 -19.49
CA TYR A 32 18.21 17.75 -20.20
C TYR A 32 16.77 18.19 -20.03
N ALA A 33 16.01 18.08 -21.13
CA ALA A 33 14.57 18.27 -21.09
C ALA A 33 14.04 16.99 -20.41
N MET A 34 12.94 17.10 -19.65
CA MET A 34 12.39 15.92 -18.95
C MET A 34 10.92 15.78 -19.35
N SER A 35 10.41 14.55 -19.39
CA SER A 35 9.00 14.32 -19.69
C SER A 35 8.32 13.37 -18.70
N TRP A 36 6.98 13.42 -18.71
CA TRP A 36 6.09 12.52 -18.02
C TRP A 36 5.32 11.78 -19.13
N VAL A 37 5.28 10.47 -19.02
CA VAL A 37 4.63 9.58 -19.98
C VAL A 37 3.77 8.66 -19.13
N ARG A 38 2.54 8.41 -19.54
CA ARG A 38 1.68 7.54 -18.76
C ARG A 38 1.20 6.34 -19.56
N GLN A 39 0.76 5.30 -18.86
CA GLN A 39 0.26 4.10 -19.50
C GLN A 39 -0.89 3.58 -18.66
N ALA A 40 -2.12 3.67 -19.24
CA ALA A 40 -3.33 3.15 -18.61
C ALA A 40 -3.22 1.62 -18.55
N PRO A 41 -3.84 0.95 -17.54
CA PRO A 41 -3.69 -0.53 -17.44
C PRO A 41 -4.15 -1.25 -18.71
N GLY A 42 -3.24 -2.02 -19.29
CA GLY A 42 -3.44 -2.77 -20.53
C GLY A 42 -3.36 -1.96 -21.81
N LYS A 43 -3.04 -0.66 -21.73
CA LYS A 43 -3.03 0.21 -22.92
C LYS A 43 -1.62 0.67 -23.36
N GLY A 44 -1.58 1.53 -24.36
CA GLY A 44 -0.33 2.03 -24.92
C GLY A 44 0.25 3.20 -24.15
N LEU A 45 1.44 3.63 -24.54
CA LEU A 45 2.13 4.76 -23.95
C LEU A 45 1.48 6.05 -24.44
N GLU A 46 1.28 7.00 -23.53
CA GLU A 46 0.68 8.29 -23.84
C GLU A 46 1.60 9.39 -23.28
N TRP A 47 2.15 10.22 -24.15
CA TRP A 47 2.98 11.34 -23.70
C TRP A 47 2.07 12.37 -22.94
N VAL A 48 2.53 12.92 -21.81
CA VAL A 48 1.70 13.82 -20.99
C VAL A 48 2.22 15.24 -21.04
N SER A 49 3.52 15.41 -20.74
CA SER A 49 4.08 16.74 -20.60
C SER A 49 5.57 16.69 -20.74
N ALA A 50 6.16 17.80 -21.20
CA ALA A 50 7.60 17.96 -21.30
C ALA A 50 8.00 19.34 -20.79
N ILE A 51 9.25 19.45 -20.33
CA ILE A 51 9.82 20.70 -19.83
C ILE A 51 11.27 20.85 -20.32
N SER A 52 11.70 22.05 -20.76
CA SER A 52 13.11 22.24 -21.19
C SER A 52 14.06 22.17 -19.97
N GLY A 53 15.37 22.08 -20.22
CA GLY A 53 16.39 22.03 -19.18
C GLY A 53 16.31 23.17 -18.17
N SER A 54 16.02 24.38 -18.64
CA SER A 54 15.90 25.58 -17.80
C SER A 54 14.54 25.68 -17.08
N GLY A 55 13.51 25.04 -17.63
CA GLY A 55 12.16 25.14 -17.10
C GLY A 55 11.37 26.29 -17.72
N GLY A 56 11.99 27.00 -18.67
CA GLY A 56 11.41 28.14 -19.38
C GLY A 56 10.34 27.76 -20.39
N SER A 57 10.32 26.50 -20.83
CA SER A 57 9.34 26.05 -21.81
C SER A 57 8.67 24.76 -21.33
N THR A 58 7.33 24.77 -21.27
CA THR A 58 6.53 23.61 -20.84
C THR A 58 5.59 23.23 -21.97
N TYR A 59 5.34 21.92 -22.14
CA TYR A 59 4.54 21.34 -23.22
C TYR A 59 3.58 20.33 -22.64
N TYR A 60 2.34 20.25 -23.16
CA TYR A 60 1.27 19.40 -22.63
C TYR A 60 0.49 18.71 -23.72
N ALA A 61 0.07 17.46 -23.46
CA ALA A 61 -0.85 16.76 -24.34
C ALA A 61 -2.19 17.49 -24.17
N ASP A 62 -3.02 17.56 -25.23
CA ASP A 62 -4.35 18.23 -25.17
C ASP A 62 -5.25 17.71 -24.03
N SER A 63 -5.19 16.38 -23.76
CA SER A 63 -5.95 15.69 -22.72
C SER A 63 -5.67 16.13 -21.28
N VAL A 64 -4.53 16.82 -21.03
CA VAL A 64 -4.17 17.25 -19.68
C VAL A 64 -4.04 18.80 -19.58
N LYS A 65 -4.09 19.50 -20.74
CA LYS A 65 -3.96 20.97 -20.83
C LYS A 65 -4.95 21.69 -19.89
N GLY A 66 -4.43 22.61 -19.09
CA GLY A 66 -5.22 23.38 -18.14
C GLY A 66 -5.44 22.72 -16.79
N ARG A 67 -5.11 21.43 -16.67
CA ARG A 67 -5.27 20.66 -15.43
C ARG A 67 -3.92 20.27 -14.78
N PHE A 68 -2.94 19.87 -15.58
CA PHE A 68 -1.63 19.46 -15.09
C PHE A 68 -0.61 20.55 -15.29
N THR A 69 0.41 20.61 -14.42
CA THR A 69 1.51 21.57 -14.50
C THR A 69 2.80 20.82 -14.25
N ILE A 70 3.70 20.88 -15.22
CA ILE A 70 5.02 20.27 -15.08
C ILE A 70 5.94 21.39 -14.55
N SER A 71 6.86 21.03 -13.68
CA SER A 71 7.86 21.97 -13.17
C SER A 71 9.09 21.19 -12.79
N ARG A 72 10.16 21.92 -12.51
CA ARG A 72 11.41 21.34 -12.09
C ARG A 72 12.10 22.25 -11.12
N ASP A 73 12.85 21.67 -10.18
CA ASP A 73 13.68 22.41 -9.24
C ASP A 73 15.10 21.94 -9.54
N ASN A 74 15.83 22.74 -10.34
CA ASN A 74 17.17 22.40 -10.79
C ASN A 74 18.19 22.40 -9.66
N SER A 75 17.95 23.17 -8.57
CA SER A 75 18.82 23.19 -7.39
C SER A 75 18.63 21.92 -6.53
N LYS A 76 17.57 21.11 -6.81
CA LYS A 76 17.23 19.88 -6.09
C LYS A 76 17.23 18.61 -6.96
N ASN A 77 17.47 18.75 -8.29
CA ASN A 77 17.44 17.65 -9.28
C ASN A 77 16.10 16.92 -9.24
N THR A 78 15.02 17.68 -9.15
CA THR A 78 13.69 17.08 -9.03
C THR A 78 12.75 17.63 -10.07
N LEU A 79 12.02 16.71 -10.72
CA LEU A 79 10.98 17.00 -11.72
C LEU A 79 9.64 16.76 -10.99
N TYR A 80 8.66 17.61 -11.27
CA TYR A 80 7.32 17.52 -10.69
C TYR A 80 6.23 17.52 -11.73
N LEU A 81 5.08 16.95 -11.37
CA LEU A 81 3.86 17.02 -12.16
C LEU A 81 2.74 17.30 -11.19
N GLN A 82 2.20 18.52 -11.19
CA GLN A 82 1.09 18.90 -10.34
C GLN A 82 -0.15 18.49 -11.12
N MET A 83 -0.91 17.50 -10.62
CA MET A 83 -2.11 17.04 -11.31
C MET A 83 -3.36 17.49 -10.54
N ASN A 84 -4.16 18.38 -11.14
CA ASN A 84 -5.42 18.92 -10.58
C ASN A 84 -6.60 18.44 -11.40
N SER A 85 -7.82 18.59 -10.84
CA SER A 85 -9.09 18.22 -11.46
C SER A 85 -9.01 16.82 -12.07
N LEU A 86 -8.47 15.87 -11.30
CA LEU A 86 -8.27 14.47 -11.75
C LEU A 86 -9.56 13.77 -12.16
N ARG A 87 -9.46 12.92 -13.19
CA ARG A 87 -10.61 12.20 -13.77
C ARG A 87 -10.26 10.74 -13.76
N ALA A 88 -11.26 9.84 -13.77
CA ALA A 88 -11.04 8.39 -13.81
C ALA A 88 -10.09 7.99 -14.94
N GLU A 89 -10.17 8.68 -16.12
CA GLU A 89 -9.33 8.41 -17.32
C GLU A 89 -7.83 8.73 -17.13
N ASP A 90 -7.46 9.44 -16.05
CA ASP A 90 -6.07 9.75 -15.70
C ASP A 90 -5.41 8.58 -14.96
N THR A 91 -6.18 7.50 -14.70
CA THR A 91 -5.64 6.31 -14.04
C THR A 91 -4.60 5.71 -14.94
N ALA A 92 -3.37 5.57 -14.44
CA ALA A 92 -2.25 5.05 -15.21
C ALA A 92 -1.02 4.94 -14.36
N VAL A 93 0.00 4.28 -14.93
CA VAL A 93 1.33 4.28 -14.35
C VAL A 93 1.96 5.54 -14.98
N TYR A 94 2.57 6.39 -14.14
CA TYR A 94 3.22 7.60 -14.60
C TYR A 94 4.73 7.44 -14.53
N TYR A 95 5.40 7.57 -15.69
CA TYR A 95 6.84 7.47 -15.86
C TYR A 95 7.45 8.81 -16.07
N CYS A 96 8.58 9.01 -15.40
CA CYS A 96 9.51 10.11 -15.49
C CYS A 96 10.48 9.61 -16.63
N ALA A 97 10.76 10.44 -17.63
CA ALA A 97 11.63 10.05 -18.75
C ALA A 97 12.61 11.16 -19.12
N LYS A 98 13.87 10.79 -19.34
CA LYS A 98 14.94 11.75 -19.63
C LYS A 98 15.20 11.95 -21.12
N GLY A 99 15.29 13.24 -21.49
CA GLY A 99 15.70 13.72 -22.81
C GLY A 99 14.68 13.72 -23.93
N SER A 100 15.21 13.69 -25.17
CA SER A 100 14.52 13.68 -26.47
C SER A 100 14.94 12.34 -27.11
N GLY A 101 14.02 11.39 -27.09
CA GLY A 101 14.30 10.01 -27.47
C GLY A 101 14.74 9.41 -26.15
N PHE A 102 13.76 9.10 -25.31
CA PHE A 102 13.88 8.70 -23.90
C PHE A 102 14.77 7.51 -23.65
N ASP A 103 16.03 7.81 -23.30
CA ASP A 103 17.07 6.82 -23.04
C ASP A 103 17.00 6.27 -21.64
N TYR A 104 16.43 7.04 -20.69
CA TYR A 104 16.24 6.59 -19.33
C TYR A 104 14.81 6.88 -18.88
N TRP A 105 14.21 5.89 -18.21
CA TRP A 105 12.86 5.93 -17.69
C TRP A 105 12.95 5.54 -16.22
N GLY A 106 12.04 6.08 -15.42
CA GLY A 106 11.92 5.67 -14.02
C GLY A 106 11.15 4.36 -14.01
N GLN A 107 10.89 3.79 -12.82
CA GLN A 107 10.16 2.51 -12.74
C GLN A 107 8.64 2.75 -12.81
N GLY A 108 8.21 4.00 -12.67
CA GLY A 108 6.81 4.36 -12.73
C GLY A 108 6.13 4.34 -11.37
N THR A 109 5.09 5.16 -11.25
CA THR A 109 4.27 5.33 -10.06
C THR A 109 2.81 5.27 -10.47
N LEU A 110 2.07 4.37 -9.83
CA LEU A 110 0.66 4.14 -10.14
C LEU A 110 -0.24 5.19 -9.52
N VAL A 111 -1.13 5.72 -10.34
CA VAL A 111 -2.13 6.70 -9.93
C VAL A 111 -3.49 6.10 -10.28
N THR A 112 -4.40 6.02 -9.28
CA THR A 112 -5.73 5.44 -9.47
C THR A 112 -6.74 6.47 -9.04
N VAL A 113 -7.50 7.01 -10.01
CA VAL A 113 -8.49 8.06 -9.77
C VAL A 113 -9.81 7.36 -9.80
N SER A 114 -10.50 7.41 -8.67
CA SER A 114 -11.76 6.70 -8.56
C SER A 114 -12.62 7.23 -7.43
N SER A 115 -13.94 7.23 -7.64
CA SER A 115 -14.83 7.64 -6.56
C SER A 115 -15.16 6.44 -5.66
N ALA A 116 -14.71 5.22 -6.03
CA ALA A 116 -14.96 4.02 -5.21
C ALA A 116 -14.14 4.05 -3.90
N SER A 117 -14.71 3.41 -2.86
CA SER A 117 -14.07 3.20 -1.56
C SER A 117 -13.57 1.77 -1.57
N THR A 118 -12.45 1.52 -0.86
CA THR A 118 -11.86 0.17 -0.76
C THR A 118 -12.91 -0.84 -0.35
N LYS A 119 -13.02 -1.94 -1.08
CA LYS A 119 -14.04 -2.95 -0.82
C LYS A 119 -13.50 -4.32 -1.24
N GLY A 120 -13.77 -5.33 -0.42
CA GLY A 120 -13.40 -6.71 -0.72
C GLY A 120 -14.35 -7.37 -1.70
N PRO A 121 -13.92 -8.46 -2.36
CA PRO A 121 -14.78 -9.07 -3.40
C PRO A 121 -15.93 -9.96 -2.96
N SER A 122 -16.88 -10.18 -3.91
CA SER A 122 -17.95 -11.17 -3.90
C SER A 122 -17.44 -12.25 -4.82
N VAL A 123 -17.61 -13.54 -4.43
CA VAL A 123 -17.08 -14.69 -5.17
C VAL A 123 -18.22 -15.63 -5.53
N PHE A 124 -18.31 -16.02 -6.81
CA PHE A 124 -19.38 -16.88 -7.33
C PHE A 124 -18.75 -18.05 -8.02
N PRO A 125 -19.05 -19.29 -7.60
CA PRO A 125 -18.45 -20.44 -8.29
C PRO A 125 -19.02 -20.62 -9.70
N LEU A 126 -18.18 -21.17 -10.60
CA LEU A 126 -18.58 -21.56 -11.95
C LEU A 126 -18.46 -23.07 -11.91
N ALA A 127 -19.54 -23.73 -11.51
CA ALA A 127 -19.60 -25.16 -11.28
C ALA A 127 -19.40 -26.03 -12.54
N PRO A 128 -18.63 -27.15 -12.46
CA PRO A 128 -18.50 -28.02 -13.62
C PRO A 128 -19.79 -28.82 -13.79
N SER A 129 -20.13 -29.13 -15.04
CA SER A 129 -21.35 -29.88 -15.40
C SER A 129 -21.10 -30.45 -16.79
N SER A 130 -22.12 -31.14 -17.38
CA SER A 130 -22.03 -31.65 -18.75
C SER A 130 -21.83 -30.49 -19.78
N LYS A 131 -22.28 -29.27 -19.43
CA LYS A 131 -22.17 -28.07 -20.26
C LYS A 131 -20.74 -27.51 -20.32
N SER A 132 -19.93 -27.89 -19.32
CA SER A 132 -18.51 -27.52 -19.26
C SER A 132 -17.63 -28.78 -19.21
N THR A 133 -17.97 -29.79 -20.01
CA THR A 133 -17.18 -31.01 -20.17
C THR A 133 -16.88 -31.20 -21.65
N SER A 134 -15.62 -30.97 -22.06
CA SER A 134 -15.14 -31.15 -23.44
C SER A 134 -14.28 -32.43 -23.46
N GLY A 135 -14.90 -33.53 -23.89
CA GLY A 135 -14.26 -34.84 -23.97
C GLY A 135 -14.13 -35.45 -22.60
N GLY A 136 -12.88 -35.62 -22.15
CA GLY A 136 -12.57 -36.14 -20.83
C GLY A 136 -12.07 -35.07 -19.86
N THR A 137 -12.19 -33.81 -20.25
CA THR A 137 -11.78 -32.62 -19.50
C THR A 137 -13.00 -31.80 -19.09
N ALA A 138 -12.98 -31.28 -17.87
CA ALA A 138 -14.05 -30.43 -17.34
C ALA A 138 -13.45 -29.10 -16.97
N ALA A 139 -14.18 -28.00 -17.19
CA ALA A 139 -13.74 -26.67 -16.78
C ALA A 139 -14.55 -26.21 -15.57
N LEU A 140 -13.90 -25.50 -14.66
CA LEU A 140 -14.57 -24.95 -13.48
C LEU A 140 -13.89 -23.65 -13.16
N GLY A 141 -14.56 -22.79 -12.41
CA GLY A 141 -13.95 -21.51 -12.09
C GLY A 141 -14.61 -20.76 -10.97
N CYS A 142 -14.23 -19.47 -10.85
CA CYS A 142 -14.76 -18.56 -9.85
C CYS A 142 -14.83 -17.20 -10.47
N LEU A 143 -15.97 -16.50 -10.30
CA LEU A 143 -16.14 -15.12 -10.73
C LEU A 143 -15.78 -14.31 -9.47
N VAL A 144 -14.92 -13.30 -9.61
CA VAL A 144 -14.45 -12.46 -8.51
C VAL A 144 -14.87 -11.07 -8.86
N GLU A 145 -15.82 -10.50 -8.09
CA GLU A 145 -16.42 -9.23 -8.47
C GLU A 145 -16.53 -8.23 -7.36
N ASP A 146 -16.93 -7.01 -7.73
CA ASP A 146 -17.25 -5.90 -6.86
C ASP A 146 -16.11 -5.54 -5.87
N TYR A 147 -14.85 -5.55 -6.33
CA TYR A 147 -13.76 -5.18 -5.44
C TYR A 147 -13.05 -3.92 -5.88
N PHE A 148 -12.36 -3.27 -4.95
CA PHE A 148 -11.57 -2.08 -5.24
C PHE A 148 -10.57 -1.86 -4.12
N PRO A 149 -9.32 -1.46 -4.41
CA PRO A 149 -8.69 -1.32 -5.74
C PRO A 149 -8.13 -2.65 -6.18
N GLU A 150 -7.44 -2.66 -7.34
CA GLU A 150 -6.71 -3.83 -7.79
C GLU A 150 -5.51 -3.96 -6.84
N PRO A 151 -4.95 -5.17 -6.64
CA PRO A 151 -5.31 -6.46 -7.26
C PRO A 151 -5.97 -7.42 -6.26
N VAL A 152 -6.51 -8.51 -6.80
CA VAL A 152 -6.94 -9.66 -6.03
C VAL A 152 -5.93 -10.71 -6.48
N THR A 153 -5.67 -11.70 -5.64
CA THR A 153 -4.86 -12.81 -6.09
C THR A 153 -5.79 -13.98 -5.99
N VAL A 154 -5.72 -14.89 -6.95
CA VAL A 154 -6.55 -16.10 -6.93
C VAL A 154 -5.63 -17.31 -7.02
N SER A 155 -5.84 -18.28 -6.13
CA SER A 155 -5.08 -19.52 -6.16
C SER A 155 -6.12 -20.63 -6.08
N TRP A 156 -5.71 -21.83 -6.43
CA TRP A 156 -6.58 -23.00 -6.41
C TRP A 156 -5.95 -24.01 -5.48
N ASN A 157 -6.77 -24.60 -4.56
CA ASN A 157 -6.30 -25.57 -3.56
C ASN A 157 -5.04 -25.11 -2.80
N SER A 158 -5.04 -23.84 -2.36
CA SER A 158 -3.97 -23.14 -1.62
C SER A 158 -2.60 -23.21 -2.33
N GLY A 159 -2.64 -23.16 -3.66
CA GLY A 159 -1.47 -23.20 -4.53
C GLY A 159 -1.05 -24.56 -5.03
N ALA A 160 -1.69 -25.65 -4.54
CA ALA A 160 -1.35 -27.01 -4.97
C ALA A 160 -1.80 -27.31 -6.42
N LEU A 161 -2.85 -26.59 -6.89
CA LEU A 161 -3.35 -26.73 -8.26
C LEU A 161 -2.89 -25.52 -9.05
N THR A 162 -1.98 -25.72 -10.04
CA THR A 162 -1.47 -24.61 -10.88
C THR A 162 -1.59 -24.95 -12.37
N SER A 163 -1.56 -26.24 -12.72
CA SER A 163 -1.68 -26.70 -14.12
C SER A 163 -3.08 -26.40 -14.67
N GLY A 164 -3.11 -25.76 -15.85
CA GLY A 164 -4.35 -25.41 -16.56
C GLY A 164 -5.17 -24.29 -15.99
N VAL A 165 -4.60 -23.54 -15.03
CA VAL A 165 -5.25 -22.39 -14.40
C VAL A 165 -5.05 -21.19 -15.32
N HIS A 166 -6.14 -20.44 -15.57
CA HIS A 166 -6.16 -19.18 -16.31
C HIS A 166 -6.94 -18.18 -15.51
N THR A 167 -6.27 -17.10 -15.10
CA THR A 167 -6.89 -15.99 -14.40
C THR A 167 -6.89 -14.83 -15.37
N PHE A 168 -8.09 -14.35 -15.68
CA PHE A 168 -8.30 -13.28 -16.63
C PHE A 168 -8.01 -11.90 -16.06
N PRO A 169 -7.61 -10.93 -16.92
CA PRO A 169 -7.39 -9.55 -16.43
C PRO A 169 -8.67 -8.97 -15.84
N ALA A 170 -8.55 -8.08 -14.85
CA ALA A 170 -9.72 -7.42 -14.26
C ALA A 170 -10.30 -6.43 -15.24
N VAL A 171 -11.62 -6.28 -15.17
CA VAL A 171 -12.37 -5.32 -15.95
C VAL A 171 -13.02 -4.33 -14.99
N LEU A 172 -12.79 -3.05 -15.24
CA LEU A 172 -13.42 -1.98 -14.48
C LEU A 172 -14.87 -1.83 -14.91
N GLN A 173 -15.81 -1.95 -13.94
CA GLN A 173 -17.24 -1.81 -14.17
C GLN A 173 -17.68 -0.34 -13.92
N SER A 174 -18.91 0.01 -14.35
CA SER A 174 -19.51 1.36 -14.20
C SER A 174 -19.61 1.78 -12.73
N SER A 175 -19.66 0.78 -11.82
CA SER A 175 -19.72 0.98 -10.37
C SER A 175 -18.42 1.56 -9.80
N GLY A 176 -17.33 1.45 -10.57
CA GLY A 176 -15.99 1.81 -10.15
C GLY A 176 -15.32 0.60 -9.50
N LEU A 177 -16.00 -0.54 -9.55
CA LEU A 177 -15.47 -1.78 -8.97
C LEU A 177 -15.00 -2.70 -10.08
N TYR A 178 -14.07 -3.57 -9.75
CA TYR A 178 -13.48 -4.51 -10.69
C TYR A 178 -14.08 -5.89 -10.59
N SER A 179 -13.93 -6.65 -11.67
CA SER A 179 -14.35 -8.02 -11.78
C SER A 179 -13.37 -8.81 -12.63
N LEU A 180 -13.23 -10.09 -12.31
CA LEU A 180 -12.41 -11.01 -13.10
C LEU A 180 -12.91 -12.42 -12.92
N SER A 181 -12.33 -13.33 -13.65
CA SER A 181 -12.65 -14.73 -13.42
C SER A 181 -11.38 -15.53 -13.43
N SER A 182 -11.41 -16.70 -12.78
CA SER A 182 -10.27 -17.62 -12.78
C SER A 182 -10.85 -18.97 -13.09
N VAL A 183 -10.29 -19.64 -14.07
CA VAL A 183 -10.78 -20.94 -14.50
C VAL A 183 -9.68 -21.97 -14.42
N VAL A 184 -10.05 -23.24 -14.45
CA VAL A 184 -9.12 -24.35 -14.45
C VAL A 184 -9.75 -25.53 -15.16
N THR A 185 -8.96 -26.24 -15.97
CA THR A 185 -9.44 -27.45 -16.62
C THR A 185 -8.82 -28.64 -15.88
N VAL A 186 -9.62 -29.69 -15.65
CA VAL A 186 -9.20 -30.86 -14.87
C VAL A 186 -9.75 -32.11 -15.52
N PRO A 187 -9.22 -33.32 -15.19
CA PRO A 187 -9.87 -34.54 -15.73
C PRO A 187 -11.30 -34.61 -15.19
N SER A 188 -12.24 -34.88 -16.09
CA SER A 188 -13.65 -35.03 -15.71
C SER A 188 -13.83 -36.19 -14.69
N SER A 189 -12.89 -37.17 -14.70
CA SER A 189 -12.95 -38.32 -13.76
C SER A 189 -12.63 -37.92 -12.32
N SER A 190 -12.01 -36.75 -12.12
CA SER A 190 -11.61 -36.26 -10.81
C SER A 190 -12.75 -35.59 -10.03
N LEU A 191 -13.88 -35.27 -10.71
CA LEU A 191 -15.01 -34.56 -10.07
C LEU A 191 -15.71 -35.42 -9.01
N GLY A 192 -15.92 -34.86 -7.81
CA GLY A 192 -16.48 -35.63 -6.70
C GLY A 192 -15.46 -36.43 -5.90
N THR A 193 -14.23 -36.60 -6.43
CA THR A 193 -13.10 -37.25 -5.76
C THR A 193 -12.13 -36.15 -5.27
N GLN A 194 -11.68 -35.28 -6.19
CA GLN A 194 -10.83 -34.14 -5.87
C GLN A 194 -11.68 -32.95 -5.51
N THR A 195 -11.35 -32.29 -4.40
CA THR A 195 -12.02 -31.08 -3.95
C THR A 195 -11.35 -29.90 -4.68
N TYR A 196 -12.14 -28.96 -5.21
CA TYR A 196 -11.60 -27.77 -5.88
C TYR A 196 -12.06 -26.54 -5.15
N ILE A 197 -11.13 -25.75 -4.62
CA ILE A 197 -11.45 -24.56 -3.85
C ILE A 197 -10.69 -23.40 -4.45
N CYS A 198 -11.37 -22.30 -4.73
CA CYS A 198 -10.61 -21.14 -5.21
C CYS A 198 -10.41 -20.25 -3.99
N ASN A 199 -9.21 -19.75 -3.80
CA ASN A 199 -8.81 -18.91 -2.65
C ASN A 199 -8.57 -17.53 -3.18
N VAL A 200 -9.38 -16.60 -2.72
CA VAL A 200 -9.36 -15.24 -3.19
C VAL A 200 -8.82 -14.36 -2.09
N ASN A 201 -7.73 -13.62 -2.38
CA ASN A 201 -7.13 -12.74 -1.38
C ASN A 201 -7.15 -11.31 -1.88
N HIS A 202 -7.65 -10.38 -1.05
CA HIS A 202 -7.69 -8.98 -1.43
C HIS A 202 -7.04 -8.17 -0.31
N LYS A 203 -5.72 -8.00 -0.42
CA LYS A 203 -4.92 -7.34 0.59
C LYS A 203 -5.39 -5.91 0.92
N PRO A 204 -5.78 -5.05 -0.07
CA PRO A 204 -6.22 -3.69 0.29
C PRO A 204 -7.38 -3.61 1.28
N SER A 205 -8.26 -4.60 1.28
CA SER A 205 -9.41 -4.61 2.18
C SER A 205 -9.22 -5.54 3.41
N ASN A 206 -8.09 -6.27 3.44
CA ASN A 206 -7.76 -7.28 4.44
C ASN A 206 -8.85 -8.37 4.45
N THR A 207 -9.26 -8.81 3.26
CA THR A 207 -10.28 -9.86 3.14
C THR A 207 -9.73 -11.04 2.37
N LYS A 208 -10.22 -12.23 2.69
CA LYS A 208 -9.85 -13.47 2.02
C LYS A 208 -11.07 -14.36 2.01
N VAL A 209 -11.31 -15.01 0.88
CA VAL A 209 -12.47 -15.85 0.67
C VAL A 209 -12.01 -17.18 0.11
N ASP A 210 -12.65 -18.25 0.57
CA ASP A 210 -12.48 -19.58 -0.01
C ASP A 210 -13.86 -19.97 -0.58
N GLU A 211 -13.88 -20.50 -1.81
CA GLU A 211 -15.13 -20.96 -2.41
C GLU A 211 -14.91 -22.37 -2.93
N LYS A 212 -15.62 -23.34 -2.35
CA LYS A 212 -15.55 -24.73 -2.78
C LYS A 212 -16.42 -24.84 -4.04
N VAL A 213 -15.85 -25.28 -5.15
CA VAL A 213 -16.56 -25.40 -6.41
C VAL A 213 -17.06 -26.82 -6.57
N GLU A 214 -18.39 -26.98 -6.43
CA GLU A 214 -19.08 -28.27 -6.43
C GLU A 214 -19.63 -28.66 -7.81
N PRO A 215 -19.42 -29.91 -8.25
CA PRO A 215 -19.98 -30.34 -9.54
C PRO A 215 -21.50 -30.36 -9.56
N LYS A 216 -22.08 -30.05 -10.73
CA LYS A 216 -23.52 -30.07 -11.00
C LYS A 216 -23.87 -31.30 -11.88
N SER A 217 -25.17 -31.58 -12.06
CA SER A 217 -25.66 -32.66 -12.93
C SER A 217 -26.13 -32.14 -14.32
N GLU B 1 -1.09 18.25 -34.67
CA GLU B 1 -0.63 17.04 -34.00
C GLU B 1 -0.27 15.99 -35.06
N ILE B 2 0.98 15.48 -34.99
CA ILE B 2 1.45 14.44 -35.90
C ILE B 2 0.89 13.12 -35.39
N VAL B 3 0.11 12.45 -36.21
CA VAL B 3 -0.43 11.15 -35.83
C VAL B 3 0.51 10.06 -36.38
N LEU B 4 0.95 9.14 -35.53
CA LEU B 4 1.81 8.02 -35.94
C LEU B 4 0.96 6.78 -35.95
N THR B 5 0.92 6.10 -37.10
CA THR B 5 0.17 4.87 -37.27
C THR B 5 1.15 3.77 -37.44
N GLN B 6 1.06 2.81 -36.53
CA GLN B 6 1.91 1.64 -36.55
C GLN B 6 1.22 0.49 -37.22
N SER B 7 1.99 -0.27 -37.99
CA SER B 7 1.44 -1.42 -38.68
C SER B 7 2.47 -2.54 -38.78
N PRO B 8 2.02 -3.81 -38.76
CA PRO B 8 0.64 -4.26 -38.50
C PRO B 8 0.36 -4.12 -36.99
N GLY B 9 -0.86 -4.38 -36.54
CA GLY B 9 -1.20 -4.33 -35.12
C GLY B 9 -0.44 -5.38 -34.34
N THR B 10 -0.39 -6.60 -34.90
CA THR B 10 0.27 -7.78 -34.37
C THR B 10 1.06 -8.42 -35.51
N LEU B 11 2.30 -8.82 -35.21
CA LEU B 11 3.20 -9.51 -36.14
C LEU B 11 3.42 -10.90 -35.51
N SER B 12 2.91 -11.99 -36.14
CA SER B 12 3.03 -13.37 -35.62
C SER B 12 4.23 -14.05 -36.24
N LEU B 13 5.27 -14.28 -35.44
CA LEU B 13 6.50 -14.82 -35.99
C LEU B 13 7.17 -15.83 -35.09
N SER B 14 8.22 -16.49 -35.61
CA SER B 14 8.95 -17.46 -34.81
C SER B 14 10.44 -17.04 -34.65
N PRO B 15 11.16 -17.49 -33.58
CA PRO B 15 12.60 -17.11 -33.47
C PRO B 15 13.38 -17.46 -34.74
N GLY B 16 14.34 -16.60 -35.09
CA GLY B 16 15.16 -16.79 -36.30
C GLY B 16 14.65 -16.01 -37.51
N GLU B 17 13.34 -15.66 -37.50
CA GLU B 17 12.66 -14.93 -38.56
C GLU B 17 12.92 -13.42 -38.48
N ARG B 18 12.79 -12.72 -39.61
CA ARG B 18 12.95 -11.26 -39.69
C ARG B 18 11.63 -10.56 -39.35
N ALA B 19 11.67 -9.53 -38.48
CA ALA B 19 10.48 -8.75 -38.17
C ALA B 19 10.63 -7.37 -38.81
N THR B 20 9.58 -6.90 -39.52
CA THR B 20 9.53 -5.58 -40.18
C THR B 20 8.32 -4.87 -39.62
N LEU B 21 8.59 -3.80 -38.86
CA LEU B 21 7.57 -3.00 -38.19
C LEU B 21 7.52 -1.64 -38.84
N SER B 22 6.32 -1.14 -39.15
CA SER B 22 6.21 0.16 -39.82
C SER B 22 5.58 1.23 -38.93
N CYS B 23 5.97 2.48 -39.19
CA CYS B 23 5.47 3.64 -38.51
C CYS B 23 5.26 4.75 -39.59
N ARG B 24 4.02 5.10 -39.81
CA ARG B 24 3.69 6.14 -40.77
C ARG B 24 3.13 7.38 -40.09
N ALA B 25 3.67 8.54 -40.46
CA ALA B 25 3.30 9.83 -39.89
C ALA B 25 2.33 10.56 -40.81
N SER B 26 1.35 11.26 -40.20
CA SER B 26 0.33 12.04 -40.91
C SER B 26 0.97 13.27 -41.60
N GLN B 27 2.11 13.73 -41.08
CA GLN B 27 2.89 14.83 -41.64
C GLN B 27 4.35 14.45 -41.53
N SER B 28 5.21 15.03 -42.38
CA SER B 28 6.64 14.79 -42.36
C SER B 28 7.25 15.08 -40.97
N VAL B 29 8.02 14.13 -40.41
CA VAL B 29 8.63 14.25 -39.08
C VAL B 29 9.90 15.09 -39.16
N SER B 30 9.93 16.18 -38.35
CA SER B 30 11.01 17.16 -38.27
C SER B 30 12.36 16.49 -37.94
N SER B 31 13.33 16.62 -38.87
CA SER B 31 14.72 16.14 -38.82
C SER B 31 14.87 14.68 -38.36
N SER B 32 13.95 13.79 -38.83
CA SER B 32 13.98 12.38 -38.48
C SER B 32 14.09 12.12 -36.94
N TYR B 33 13.55 13.05 -36.12
CA TYR B 33 13.45 12.95 -34.65
C TYR B 33 12.43 11.86 -34.33
N LEU B 34 12.79 10.63 -34.66
CA LEU B 34 11.95 9.44 -34.50
C LEU B 34 12.67 8.39 -33.69
N ALA B 35 11.97 7.87 -32.67
CA ALA B 35 12.49 6.87 -31.76
C ALA B 35 11.64 5.61 -31.80
N TRP B 36 12.27 4.49 -31.47
CA TRP B 36 11.64 3.18 -31.35
C TRP B 36 11.94 2.65 -29.95
N TYR B 37 10.92 2.04 -29.31
CA TYR B 37 11.04 1.50 -27.97
C TYR B 37 10.52 0.10 -27.94
N GLN B 38 11.08 -0.71 -27.02
CA GLN B 38 10.55 -2.06 -26.75
C GLN B 38 9.97 -2.03 -25.32
N GLN B 39 8.87 -2.72 -25.10
CA GLN B 39 8.31 -2.83 -23.77
C GLN B 39 7.86 -4.25 -23.50
N LYS B 40 8.38 -4.82 -22.42
CA LYS B 40 8.03 -6.15 -21.92
C LYS B 40 6.99 -6.01 -20.78
N PRO B 41 6.13 -7.03 -20.49
CA PRO B 41 5.18 -6.89 -19.37
C PRO B 41 5.86 -6.62 -18.02
N GLY B 42 5.28 -5.69 -17.25
CA GLY B 42 5.79 -5.25 -15.96
C GLY B 42 7.09 -4.48 -15.99
N GLN B 43 7.53 -4.01 -17.17
CA GLN B 43 8.78 -3.26 -17.29
C GLN B 43 8.52 -1.91 -17.93
N ALA B 44 9.39 -0.94 -17.67
CA ALA B 44 9.33 0.37 -18.30
C ALA B 44 9.79 0.17 -19.77
N PRO B 45 9.42 1.06 -20.75
CA PRO B 45 9.93 0.88 -22.11
C PRO B 45 11.43 1.10 -22.16
N ARG B 46 12.08 0.55 -23.18
CA ARG B 46 13.51 0.66 -23.40
C ARG B 46 13.76 1.27 -24.78
N LEU B 47 14.61 2.29 -24.85
CA LEU B 47 14.98 2.90 -26.11
C LEU B 47 15.79 1.92 -26.96
N LEU B 48 15.36 1.71 -28.20
CA LEU B 48 16.08 0.85 -29.15
C LEU B 48 16.82 1.70 -30.20
N ILE B 49 16.13 2.70 -30.78
CA ILE B 49 16.61 3.53 -31.89
C ILE B 49 16.24 4.98 -31.62
N TYR B 50 17.12 5.92 -31.90
CA TYR B 50 16.84 7.35 -31.80
C TYR B 50 17.34 7.98 -33.10
N GLY B 51 16.79 9.13 -33.49
CA GLY B 51 17.17 9.80 -34.73
C GLY B 51 16.95 8.93 -35.95
N ALA B 52 15.85 8.14 -35.93
CA ALA B 52 15.39 7.18 -36.97
C ALA B 52 16.33 6.00 -37.25
N SER B 53 17.64 6.18 -37.22
CA SER B 53 18.56 5.09 -37.59
C SER B 53 19.72 4.79 -36.61
N SER B 54 19.81 5.51 -35.48
CA SER B 54 20.90 5.30 -34.51
C SER B 54 20.49 4.34 -33.41
N ARG B 55 21.27 3.28 -33.23
CA ARG B 55 21.06 2.26 -32.19
C ARG B 55 21.44 2.82 -30.82
N ALA B 56 20.55 2.69 -29.81
CA ALA B 56 20.86 3.15 -28.45
C ALA B 56 21.97 2.27 -27.82
N THR B 57 22.75 2.83 -26.87
CA THR B 57 23.87 2.08 -26.27
C THR B 57 23.36 0.84 -25.56
N GLY B 58 23.98 -0.30 -25.85
CA GLY B 58 23.61 -1.57 -25.25
C GLY B 58 22.60 -2.37 -26.05
N ILE B 59 22.15 -1.83 -27.22
CA ILE B 59 21.15 -2.49 -28.07
C ILE B 59 21.84 -3.42 -29.10
N PRO B 60 21.40 -4.70 -29.21
CA PRO B 60 22.03 -5.63 -30.17
C PRO B 60 21.93 -5.19 -31.64
N ASP B 61 22.92 -5.60 -32.46
CA ASP B 61 23.06 -5.29 -33.90
C ASP B 61 21.85 -5.70 -34.76
N ARG B 62 21.12 -6.74 -34.35
CA ARG B 62 19.94 -7.27 -35.05
C ARG B 62 18.80 -6.26 -35.16
N PHE B 63 18.81 -5.22 -34.31
CA PHE B 63 17.82 -4.12 -34.32
C PHE B 63 18.36 -3.00 -35.19
N SER B 64 17.57 -2.54 -36.16
CA SER B 64 18.01 -1.45 -37.05
C SER B 64 16.81 -0.60 -37.47
N GLY B 65 17.05 0.70 -37.58
CA GLY B 65 16.00 1.65 -37.94
C GLY B 65 16.29 2.33 -39.25
N SER B 66 15.24 2.68 -39.99
CA SER B 66 15.41 3.40 -41.26
C SER B 66 14.18 4.22 -41.54
N GLY B 67 14.29 5.05 -42.57
CA GLY B 67 13.19 5.87 -43.06
C GLY B 67 13.40 7.33 -42.72
N SER B 68 12.48 8.16 -43.21
CA SER B 68 12.52 9.61 -43.06
C SER B 68 11.18 10.18 -43.47
N GLY B 69 10.91 11.40 -43.04
CA GLY B 69 9.70 12.11 -43.42
C GLY B 69 8.46 11.50 -42.83
N THR B 70 7.69 10.77 -43.66
CA THR B 70 6.43 10.18 -43.20
C THR B 70 6.51 8.67 -42.95
N ASP B 71 7.60 8.00 -43.39
CA ASP B 71 7.67 6.54 -43.38
C ASP B 71 8.91 6.02 -42.66
N PHE B 72 8.71 5.26 -41.57
CA PHE B 72 9.79 4.69 -40.77
C PHE B 72 9.64 3.23 -40.59
N THR B 73 10.76 2.54 -40.45
CA THR B 73 10.74 1.09 -40.28
C THR B 73 11.75 0.65 -39.23
N LEU B 74 11.33 -0.30 -38.39
CA LEU B 74 12.19 -0.96 -37.42
C LEU B 74 12.33 -2.39 -37.94
N THR B 75 13.57 -2.86 -38.12
CA THR B 75 13.83 -4.21 -38.59
C THR B 75 14.58 -4.98 -37.49
N ILE B 76 14.10 -6.18 -37.18
CA ILE B 76 14.78 -7.12 -36.27
C ILE B 76 15.19 -8.25 -37.23
N SER B 77 16.47 -8.30 -37.60
CA SER B 77 16.98 -9.20 -38.64
C SER B 77 16.72 -10.72 -38.41
N ARG B 78 16.91 -11.19 -37.16
CA ARG B 78 16.73 -12.60 -36.76
C ARG B 78 16.21 -12.58 -35.33
N LEU B 79 14.91 -12.78 -35.17
CA LEU B 79 14.28 -12.76 -33.84
C LEU B 79 14.88 -13.73 -32.81
N GLU B 80 15.10 -13.25 -31.59
CA GLU B 80 15.53 -14.04 -30.46
C GLU B 80 14.31 -14.16 -29.53
N PRO B 81 14.18 -15.24 -28.69
CA PRO B 81 12.99 -15.36 -27.80
C PRO B 81 12.65 -14.16 -26.93
N GLU B 82 13.67 -13.38 -26.53
CA GLU B 82 13.59 -12.14 -25.74
C GLU B 82 13.00 -10.97 -26.56
N ASP B 83 12.86 -11.12 -27.89
CA ASP B 83 12.33 -10.03 -28.73
C ASP B 83 10.82 -10.01 -28.82
N PHE B 84 10.14 -11.05 -28.32
CA PHE B 84 8.68 -11.07 -28.33
C PHE B 84 8.19 -10.14 -27.26
N ALA B 85 7.65 -8.99 -27.70
CA ALA B 85 7.28 -7.86 -26.86
C ALA B 85 6.44 -6.87 -27.67
N VAL B 86 6.16 -5.69 -27.08
CA VAL B 86 5.43 -4.60 -27.73
C VAL B 86 6.41 -3.50 -28.11
N TYR B 87 6.25 -2.99 -29.33
CA TYR B 87 7.14 -1.98 -29.89
C TYR B 87 6.38 -0.72 -30.22
N TYR B 88 6.91 0.43 -29.82
CA TYR B 88 6.32 1.74 -30.08
C TYR B 88 7.27 2.66 -30.81
N CYS B 89 6.73 3.50 -31.71
CA CYS B 89 7.45 4.59 -32.36
C CYS B 89 6.99 5.90 -31.70
N GLN B 90 7.82 6.90 -31.74
CA GLN B 90 7.54 8.19 -31.11
C GLN B 90 8.28 9.27 -31.87
N GLN B 91 7.63 10.42 -32.13
CA GLN B 91 8.30 11.56 -32.74
C GLN B 91 8.57 12.56 -31.63
N TYR B 92 9.73 13.20 -31.66
CA TYR B 92 10.08 14.15 -30.61
C TYR B 92 10.61 15.46 -31.18
N GLY B 93 10.18 15.75 -32.41
CA GLY B 93 10.58 16.95 -33.14
C GLY B 93 9.65 18.13 -32.95
N SER B 94 8.35 17.87 -32.70
CA SER B 94 7.38 18.94 -32.50
C SER B 94 6.30 18.56 -31.53
N SER B 95 5.88 19.54 -30.71
CA SER B 95 4.86 19.33 -29.70
C SER B 95 3.45 19.36 -30.30
N PRO B 96 2.49 18.52 -29.84
CA PRO B 96 2.62 17.47 -28.82
C PRO B 96 3.42 16.27 -29.25
N LEU B 97 4.27 15.73 -28.35
CA LEU B 97 5.04 14.54 -28.68
C LEU B 97 4.03 13.41 -28.72
N THR B 98 4.16 12.54 -29.70
CA THR B 98 3.18 11.48 -29.89
C THR B 98 3.84 10.15 -30.04
N PHE B 99 3.18 9.12 -29.52
CA PHE B 99 3.60 7.75 -29.70
C PHE B 99 2.66 7.13 -30.68
N GLY B 100 3.13 6.11 -31.38
CA GLY B 100 2.27 5.25 -32.17
C GLY B 100 1.47 4.40 -31.20
N GLN B 101 0.49 3.66 -31.69
CA GLN B 101 -0.37 2.85 -30.82
C GLN B 101 0.25 1.48 -30.43
N GLY B 102 1.42 1.17 -30.97
CA GLY B 102 2.15 -0.05 -30.67
C GLY B 102 1.92 -1.20 -31.62
N THR B 103 2.92 -2.06 -31.76
CA THR B 103 2.86 -3.31 -32.54
C THR B 103 3.33 -4.42 -31.60
N LYS B 104 2.51 -5.46 -31.44
CA LYS B 104 2.90 -6.60 -30.64
C LYS B 104 3.57 -7.64 -31.56
N VAL B 105 4.79 -8.11 -31.20
CA VAL B 105 5.36 -9.21 -31.98
C VAL B 105 5.10 -10.48 -31.12
N GLU B 106 4.22 -11.34 -31.61
CA GLU B 106 3.79 -12.53 -30.87
C GLU B 106 4.42 -13.81 -31.40
N ILE B 107 4.47 -14.81 -30.53
CA ILE B 107 5.02 -16.14 -30.80
C ILE B 107 4.06 -16.89 -31.72
N LYS B 108 4.51 -17.26 -32.90
CA LYS B 108 3.69 -18.04 -33.83
C LYS B 108 3.79 -19.51 -33.41
N ARG B 109 2.67 -20.21 -33.48
CA ARG B 109 2.62 -21.65 -33.22
C ARG B 109 1.58 -22.23 -34.18
N THR B 110 1.38 -23.56 -34.15
CA THR B 110 0.37 -24.23 -34.95
C THR B 110 -1.07 -23.88 -34.47
N VAL B 111 -2.04 -23.99 -35.38
CA VAL B 111 -3.44 -23.70 -35.08
C VAL B 111 -3.95 -24.72 -34.03
N ALA B 112 -4.64 -24.24 -33.01
CA ALA B 112 -5.25 -25.08 -31.98
C ALA B 112 -6.66 -24.54 -31.81
N ALA B 113 -7.66 -25.39 -32.01
CA ALA B 113 -9.05 -25.04 -31.86
C ALA B 113 -9.34 -24.85 -30.35
N PRO B 114 -10.24 -23.93 -29.97
CA PRO B 114 -10.57 -23.82 -28.54
C PRO B 114 -11.45 -24.98 -28.08
N SER B 115 -11.34 -25.33 -26.80
CA SER B 115 -12.27 -26.21 -26.11
C SER B 115 -13.28 -25.19 -25.57
N VAL B 116 -14.59 -25.43 -25.78
CA VAL B 116 -15.66 -24.51 -25.40
C VAL B 116 -16.48 -25.01 -24.21
N PHE B 117 -16.73 -24.12 -23.26
CA PHE B 117 -17.46 -24.49 -22.05
C PHE B 117 -18.44 -23.38 -21.76
N ILE B 118 -19.64 -23.73 -21.30
CA ILE B 118 -20.67 -22.75 -20.91
C ILE B 118 -21.04 -22.96 -19.43
N PHE B 119 -21.24 -21.84 -18.71
CA PHE B 119 -21.61 -21.82 -17.32
C PHE B 119 -22.90 -21.06 -17.11
N PRO B 120 -23.99 -21.75 -16.74
CA PRO B 120 -25.24 -21.03 -16.45
C PRO B 120 -25.07 -20.19 -15.16
N PRO B 121 -25.90 -19.13 -14.94
CA PRO B 121 -25.78 -18.38 -13.68
C PRO B 121 -26.04 -19.30 -12.49
N SER B 122 -25.25 -19.17 -11.45
CA SER B 122 -25.46 -19.97 -10.23
C SER B 122 -26.64 -19.36 -9.45
N ASP B 123 -27.21 -20.10 -8.48
CA ASP B 123 -28.29 -19.57 -7.66
C ASP B 123 -27.76 -18.43 -6.82
N LYS B 124 -26.51 -18.55 -6.33
CA LYS B 124 -25.88 -17.51 -5.54
C LYS B 124 -25.81 -16.22 -6.37
N LYS B 125 -25.35 -16.29 -7.63
CA LYS B 125 -25.29 -15.16 -8.56
C LYS B 125 -26.72 -14.62 -8.83
N LEU B 126 -27.69 -15.50 -9.10
CA LEU B 126 -29.08 -15.05 -9.34
C LEU B 126 -29.69 -14.32 -8.15
N LYS B 127 -29.35 -14.77 -6.92
CA LYS B 127 -29.80 -14.17 -5.64
C LYS B 127 -29.36 -12.72 -5.56
N SER B 128 -28.19 -12.39 -6.14
CA SER B 128 -27.67 -11.01 -6.21
C SER B 128 -28.47 -10.10 -7.20
N GLY B 129 -29.38 -10.69 -8.00
CA GLY B 129 -30.24 -9.97 -8.95
C GLY B 129 -29.67 -9.86 -10.36
N THR B 130 -28.55 -10.58 -10.64
CA THR B 130 -27.84 -10.56 -11.92
C THR B 130 -27.66 -11.98 -12.48
N ALA B 131 -27.78 -12.12 -13.81
CA ALA B 131 -27.55 -13.38 -14.49
C ALA B 131 -26.34 -13.15 -15.39
N SER B 132 -25.21 -13.77 -15.03
CA SER B 132 -24.00 -13.71 -15.81
C SER B 132 -23.84 -15.10 -16.39
N VAL B 133 -23.82 -15.19 -17.73
CA VAL B 133 -23.68 -16.45 -18.45
C VAL B 133 -22.28 -16.39 -19.02
N VAL B 134 -21.46 -17.37 -18.66
CA VAL B 134 -20.06 -17.36 -19.05
C VAL B 134 -19.78 -18.43 -20.07
N CYS B 135 -19.11 -18.04 -21.15
CA CYS B 135 -18.63 -18.93 -22.19
C CYS B 135 -17.10 -18.87 -22.18
N LEU B 136 -16.46 -20.01 -21.95
CA LEU B 136 -15.00 -20.08 -21.92
C LEU B 136 -14.44 -20.76 -23.16
N LEU B 137 -13.49 -20.11 -23.83
CA LEU B 137 -12.77 -20.66 -24.98
C LEU B 137 -11.35 -20.94 -24.44
N ASN B 138 -10.96 -22.21 -24.35
CA ASN B 138 -9.69 -22.55 -23.77
C ASN B 138 -8.63 -23.04 -24.74
N ASN B 139 -7.38 -22.55 -24.50
CA ASN B 139 -6.14 -22.98 -25.17
C ASN B 139 -6.23 -22.99 -26.70
N PHE B 140 -6.44 -21.83 -27.28
CA PHE B 140 -6.59 -21.70 -28.71
C PHE B 140 -5.51 -20.82 -29.34
N TYR B 141 -5.28 -21.04 -30.65
CA TYR B 141 -4.35 -20.25 -31.45
C TYR B 141 -4.78 -20.34 -32.92
N PRO B 142 -4.86 -19.22 -33.68
CA PRO B 142 -4.48 -17.83 -33.31
C PRO B 142 -5.49 -17.10 -32.44
N ARG B 143 -5.16 -15.87 -32.07
CA ARG B 143 -6.01 -15.04 -31.19
C ARG B 143 -7.40 -14.75 -31.72
N GLU B 144 -7.55 -14.60 -33.06
CA GLU B 144 -8.82 -14.29 -33.72
C GLU B 144 -9.86 -15.38 -33.46
N ALA B 145 -10.94 -15.01 -32.77
CA ALA B 145 -12.04 -15.90 -32.40
C ALA B 145 -13.32 -15.08 -32.29
N LYS B 146 -14.40 -15.62 -32.83
CA LYS B 146 -15.72 -14.98 -32.77
C LYS B 146 -16.64 -15.77 -31.84
N VAL B 147 -17.26 -15.05 -30.89
CA VAL B 147 -18.24 -15.59 -29.93
C VAL B 147 -19.58 -14.89 -30.24
N GLN B 148 -20.60 -15.68 -30.47
CA GLN B 148 -21.95 -15.19 -30.75
C GLN B 148 -22.87 -15.73 -29.69
N TRP B 149 -23.57 -14.86 -28.98
CA TRP B 149 -24.55 -15.24 -27.99
C TRP B 149 -25.92 -15.27 -28.64
N LYS B 150 -26.68 -16.33 -28.35
CA LYS B 150 -28.02 -16.48 -28.89
C LYS B 150 -28.96 -16.81 -27.73
N VAL B 151 -30.03 -16.04 -27.62
CA VAL B 151 -31.04 -16.19 -26.56
C VAL B 151 -32.36 -16.49 -27.27
N ASP B 152 -32.85 -17.73 -27.12
CA ASP B 152 -34.05 -18.25 -27.81
C ASP B 152 -33.89 -18.09 -29.34
N ASN B 153 -32.64 -18.36 -29.80
CA ASN B 153 -32.11 -18.30 -31.18
C ASN B 153 -31.99 -16.87 -31.76
N ALA B 154 -32.25 -15.81 -30.96
CA ALA B 154 -32.09 -14.43 -31.40
C ALA B 154 -30.65 -14.00 -31.12
N LEU B 155 -29.97 -13.50 -32.15
CA LEU B 155 -28.57 -13.06 -32.05
C LEU B 155 -28.46 -11.86 -31.13
N GLN B 156 -27.57 -11.96 -30.14
CA GLN B 156 -27.34 -10.93 -29.12
C GLN B 156 -26.28 -9.93 -29.51
N SER B 157 -26.47 -8.68 -29.06
CA SER B 157 -25.55 -7.56 -29.30
C SER B 157 -25.62 -6.60 -28.12
N GLY B 158 -24.47 -6.02 -27.77
CA GLY B 158 -24.32 -5.00 -26.73
C GLY B 158 -24.58 -5.38 -25.29
N ASN B 159 -24.68 -6.69 -25.00
CA ASN B 159 -24.95 -7.16 -23.64
C ASN B 159 -23.90 -8.20 -23.17
N SER B 160 -22.70 -8.17 -23.76
CA SER B 160 -21.63 -9.08 -23.39
C SER B 160 -20.28 -8.40 -23.30
N GLN B 161 -19.34 -8.99 -22.54
CA GLN B 161 -17.97 -8.48 -22.39
C GLN B 161 -17.01 -9.64 -22.60
N GLU B 162 -15.88 -9.36 -23.25
CA GLU B 162 -14.85 -10.37 -23.47
C GLU B 162 -13.57 -10.02 -22.76
N SER B 163 -12.92 -11.04 -22.16
CA SER B 163 -11.59 -10.94 -21.54
C SER B 163 -10.71 -12.03 -22.14
N VAL B 164 -9.45 -11.71 -22.40
CA VAL B 164 -8.47 -12.64 -22.97
C VAL B 164 -7.21 -12.67 -22.09
N THR B 165 -6.60 -13.83 -21.95
CA THR B 165 -5.34 -13.95 -21.24
C THR B 165 -4.21 -13.55 -22.22
N GLU B 166 -3.02 -13.35 -21.66
CA GLU B 166 -1.82 -13.14 -22.46
C GLU B 166 -1.46 -14.55 -22.97
N GLN B 167 -0.67 -14.62 -24.02
CA GLN B 167 -0.20 -15.87 -24.60
C GLN B 167 0.48 -16.76 -23.51
N ASP B 168 0.08 -18.02 -23.41
CA ASP B 168 0.64 -18.92 -22.40
C ASP B 168 2.17 -19.10 -22.59
N SER B 169 2.95 -18.98 -21.50
CA SER B 169 4.42 -19.10 -21.56
C SER B 169 4.89 -20.50 -22.00
N LYS B 170 4.13 -21.54 -21.66
CA LYS B 170 4.44 -22.93 -21.99
C LYS B 170 3.91 -23.41 -23.35
N ASP B 171 2.63 -23.13 -23.71
CA ASP B 171 2.08 -23.67 -24.97
C ASP B 171 1.77 -22.60 -26.05
N SER B 172 1.97 -21.31 -25.74
CA SER B 172 1.77 -20.15 -26.63
C SER B 172 0.29 -19.95 -27.09
N THR B 173 -0.67 -20.50 -26.35
CA THR B 173 -2.09 -20.34 -26.72
C THR B 173 -2.74 -19.20 -25.93
N TYR B 174 -4.01 -18.88 -26.27
CA TYR B 174 -4.84 -17.90 -25.61
C TYR B 174 -6.03 -18.62 -25.01
N SER B 175 -6.67 -17.97 -24.06
CA SER B 175 -7.92 -18.37 -23.46
C SER B 175 -8.73 -17.08 -23.37
N LEU B 176 -10.04 -17.19 -23.57
CA LEU B 176 -10.98 -16.07 -23.63
C LEU B 176 -12.22 -16.42 -22.81
N SER B 177 -12.73 -15.43 -22.08
CA SER B 177 -13.96 -15.54 -21.33
C SER B 177 -14.92 -14.52 -21.96
N SER B 178 -16.13 -14.96 -22.35
CA SER B 178 -17.16 -14.06 -22.82
C SER B 178 -18.29 -14.17 -21.79
N THR B 179 -18.72 -13.03 -21.23
CA THR B 179 -19.82 -13.03 -20.26
C THR B 179 -21.03 -12.28 -20.83
N LEU B 180 -22.19 -12.97 -20.94
CA LEU B 180 -23.47 -12.41 -21.31
C LEU B 180 -24.11 -11.91 -20.00
N THR B 181 -24.41 -10.61 -19.90
CA THR B 181 -24.99 -10.09 -18.66
C THR B 181 -26.39 -9.57 -18.87
N LEU B 182 -27.35 -10.17 -18.14
CA LEU B 182 -28.76 -9.79 -18.11
C LEU B 182 -29.17 -9.57 -16.65
N SER B 183 -30.27 -8.83 -16.40
CA SER B 183 -30.79 -8.71 -15.05
C SER B 183 -31.47 -10.06 -14.78
N LYS B 184 -31.67 -10.43 -13.50
CA LYS B 184 -32.38 -11.67 -13.14
C LYS B 184 -33.78 -11.71 -13.80
N ALA B 185 -34.55 -10.58 -13.72
CA ALA B 185 -35.90 -10.47 -14.29
C ALA B 185 -35.91 -10.67 -15.80
N ASP B 186 -34.91 -10.11 -16.52
CA ASP B 186 -34.79 -10.29 -17.95
C ASP B 186 -34.42 -11.73 -18.30
N TYR B 187 -33.48 -12.33 -17.53
CA TYR B 187 -33.00 -13.70 -17.72
C TYR B 187 -34.14 -14.73 -17.64
N GLU B 188 -35.10 -14.48 -16.75
CA GLU B 188 -36.28 -15.31 -16.50
C GLU B 188 -37.33 -15.24 -17.61
N LYS B 189 -37.20 -14.28 -18.54
CA LYS B 189 -38.12 -14.15 -19.67
C LYS B 189 -37.73 -15.06 -20.86
N HIS B 190 -36.54 -15.68 -20.82
CA HIS B 190 -36.07 -16.50 -21.94
C HIS B 190 -35.72 -17.90 -21.51
N LYS B 191 -35.70 -18.86 -22.44
CA LYS B 191 -35.43 -20.27 -22.13
C LYS B 191 -34.04 -20.77 -22.57
N VAL B 192 -33.71 -20.67 -23.88
CA VAL B 192 -32.47 -21.21 -24.45
C VAL B 192 -31.31 -20.19 -24.51
N TYR B 193 -30.20 -20.51 -23.85
CA TYR B 193 -28.99 -19.68 -23.81
C TYR B 193 -27.86 -20.41 -24.51
N ALA B 194 -27.31 -19.81 -25.59
CA ALA B 194 -26.29 -20.46 -26.37
C ALA B 194 -25.13 -19.57 -26.72
N CYS B 195 -23.95 -20.17 -26.70
CA CYS B 195 -22.68 -19.56 -27.07
C CYS B 195 -22.19 -20.25 -28.38
N GLU B 196 -22.06 -19.51 -29.49
CA GLU B 196 -21.60 -20.06 -30.78
C GLU B 196 -20.21 -19.53 -31.04
N VAL B 197 -19.24 -20.43 -31.21
CA VAL B 197 -17.82 -20.08 -31.37
C VAL B 197 -17.31 -20.39 -32.78
N THR B 198 -16.68 -19.40 -33.43
CA THR B 198 -16.06 -19.55 -34.76
C THR B 198 -14.56 -19.31 -34.63
N HIS B 199 -13.77 -20.21 -35.20
CA HIS B 199 -12.31 -20.18 -35.13
C HIS B 199 -11.70 -21.06 -36.23
N GLN B 200 -10.54 -20.64 -36.77
CA GLN B 200 -9.77 -21.34 -37.80
C GLN B 200 -9.59 -22.85 -37.51
N GLY B 201 -9.38 -23.20 -36.25
CA GLY B 201 -9.20 -24.57 -35.80
C GLY B 201 -10.44 -25.43 -35.85
N LEU B 202 -11.62 -24.79 -35.93
CA LEU B 202 -12.92 -25.48 -36.00
C LEU B 202 -13.41 -25.59 -37.45
N SER B 203 -13.74 -26.83 -37.91
CA SER B 203 -14.22 -27.05 -39.29
C SER B 203 -15.60 -26.42 -39.53
N SER B 204 -16.39 -26.24 -38.45
CA SER B 204 -17.69 -25.56 -38.43
C SER B 204 -17.90 -24.94 -37.01
N PRO B 205 -18.73 -23.87 -36.84
CA PRO B 205 -18.90 -23.29 -35.49
C PRO B 205 -19.37 -24.28 -34.42
N VAL B 206 -18.86 -24.12 -33.19
CA VAL B 206 -19.18 -24.98 -32.05
C VAL B 206 -20.16 -24.25 -31.16
N THR B 207 -21.27 -24.91 -30.81
CA THR B 207 -22.28 -24.35 -29.93
C THR B 207 -22.36 -25.13 -28.66
N LYS B 208 -22.43 -24.39 -27.55
CA LYS B 208 -22.69 -24.91 -26.21
C LYS B 208 -23.90 -24.16 -25.73
N SER B 209 -24.92 -24.89 -25.29
CA SER B 209 -26.18 -24.30 -24.83
C SER B 209 -26.79 -24.98 -23.62
N PHE B 210 -27.76 -24.32 -22.99
CA PHE B 210 -28.52 -24.87 -21.88
C PHE B 210 -29.90 -24.23 -21.87
N ASN B 211 -30.83 -24.86 -21.14
CA ASN B 211 -32.17 -24.31 -20.94
C ASN B 211 -32.19 -23.77 -19.52
N ARG B 212 -32.66 -22.54 -19.34
CA ARG B 212 -32.73 -21.93 -18.02
C ARG B 212 -33.54 -22.83 -17.06
N GLY B 213 -32.97 -23.12 -15.89
CA GLY B 213 -33.62 -23.93 -14.87
C GLY B 213 -33.36 -25.42 -14.92
N GLU B 214 -32.69 -25.90 -15.99
CA GLU B 214 -32.38 -27.31 -16.15
C GLU B 214 -30.99 -27.67 -15.69
N GLU C 1 29.30 -1.38 1.76
CA GLU C 1 28.15 -0.88 2.50
C GLU C 1 27.26 -2.06 2.93
N VAL C 2 27.10 -2.26 4.25
CA VAL C 2 26.25 -3.33 4.78
C VAL C 2 24.80 -2.86 4.59
N GLN C 3 23.96 -3.73 4.02
CA GLN C 3 22.54 -3.41 3.81
C GLN C 3 21.63 -4.58 4.16
N LEU C 4 20.59 -4.29 4.93
CA LEU C 4 19.56 -5.26 5.31
C LEU C 4 18.19 -4.69 4.86
N LEU C 5 17.52 -5.37 3.91
CA LEU C 5 16.24 -4.91 3.37
C LEU C 5 15.11 -5.92 3.61
N GLU C 6 14.18 -5.57 4.49
CA GLU C 6 13.05 -6.44 4.83
C GLU C 6 11.96 -6.31 3.77
N SER C 7 11.21 -7.40 3.57
CA SER C 7 10.07 -7.48 2.65
C SER C 7 9.03 -8.41 3.29
N GLY C 8 7.80 -8.31 2.82
CA GLY C 8 6.73 -9.23 3.20
C GLY C 8 5.69 -8.80 4.20
N GLY C 9 5.83 -7.62 4.78
CA GLY C 9 4.86 -7.12 5.75
C GLY C 9 3.58 -6.66 5.08
N GLY C 10 2.55 -6.44 5.87
CA GLY C 10 1.25 -6.00 5.38
C GLY C 10 0.13 -6.41 6.29
N LEU C 11 -1.13 -6.28 5.80
CA LEU C 11 -2.33 -6.61 6.55
C LEU C 11 -2.55 -8.11 6.50
N VAL C 12 -2.95 -8.69 7.61
CA VAL C 12 -3.18 -10.15 7.69
C VAL C 12 -4.21 -10.36 8.77
N GLN C 13 -4.95 -11.46 8.69
CA GLN C 13 -5.98 -11.76 9.66
C GLN C 13 -5.47 -12.68 10.76
N PRO C 14 -6.04 -12.64 11.99
CA PRO C 14 -5.64 -13.62 12.99
C PRO C 14 -5.86 -15.04 12.50
N GLY C 15 -4.95 -15.92 12.87
CA GLY C 15 -4.94 -17.31 12.43
C GLY C 15 -4.20 -17.42 11.11
N GLY C 16 -3.96 -16.28 10.46
CA GLY C 16 -3.27 -16.21 9.17
C GLY C 16 -1.78 -16.47 9.21
N SER C 17 -1.17 -16.49 8.01
CA SER C 17 0.27 -16.72 7.78
C SER C 17 0.91 -15.61 6.97
N LEU C 18 2.18 -15.32 7.26
CA LEU C 18 2.93 -14.31 6.54
C LEU C 18 4.40 -14.70 6.62
N ARG C 19 5.14 -14.52 5.52
CA ARG C 19 6.57 -14.82 5.47
C ARG C 19 7.32 -13.52 5.23
N LEU C 20 8.21 -13.17 6.17
CA LEU C 20 9.06 -11.99 6.01
C LEU C 20 10.37 -12.45 5.45
N SER C 21 11.01 -11.59 4.69
CA SER C 21 12.30 -11.90 4.13
C SER C 21 13.24 -10.72 4.34
N CYS C 22 14.53 -10.99 4.42
CA CYS C 22 15.52 -9.96 4.60
C CYS C 22 16.67 -10.28 3.66
N ALA C 23 16.88 -9.42 2.65
CA ALA C 23 17.96 -9.58 1.67
C ALA C 23 19.15 -8.82 2.22
N ALA C 24 20.22 -9.55 2.53
CA ALA C 24 21.44 -8.98 3.09
C ALA C 24 22.49 -8.84 2.01
N SER C 25 23.28 -7.76 2.09
CA SER C 25 24.41 -7.53 1.18
C SER C 25 25.51 -6.72 1.84
N GLY C 26 26.72 -6.82 1.30
CA GLY C 26 27.87 -6.07 1.79
C GLY C 26 28.59 -6.66 2.99
N PHE C 27 28.54 -8.01 3.14
CA PHE C 27 29.21 -8.79 4.20
C PHE C 27 29.06 -10.30 3.94
N THR C 28 29.95 -11.13 4.54
CA THR C 28 29.85 -12.59 4.42
C THR C 28 28.71 -13.03 5.34
N PHE C 29 27.51 -13.21 4.75
CA PHE C 29 26.25 -13.54 5.43
C PHE C 29 26.35 -14.71 6.42
N SER C 30 26.88 -15.87 5.96
CA SER C 30 27.03 -17.10 6.74
C SER C 30 27.99 -16.99 7.96
N SER C 31 28.76 -15.90 8.05
CA SER C 31 29.68 -15.63 9.17
C SER C 31 28.95 -14.98 10.35
N TYR C 32 27.70 -14.55 10.16
CA TYR C 32 26.96 -13.85 11.22
C TYR C 32 25.65 -14.47 11.63
N ALA C 33 25.36 -14.44 12.95
CA ALA C 33 24.05 -14.82 13.46
C ALA C 33 23.15 -13.65 13.04
N MET C 34 21.86 -13.91 12.81
CA MET C 34 20.86 -12.94 12.38
C MET C 34 19.66 -13.03 13.31
N SER C 35 19.08 -11.88 13.66
CA SER C 35 17.90 -11.83 14.51
C SER C 35 16.74 -11.09 13.85
N TRP C 36 15.53 -11.33 14.39
CA TRP C 36 14.32 -10.57 14.11
C TRP C 36 13.95 -9.90 15.44
N VAL C 37 13.67 -8.59 15.40
CA VAL C 37 13.28 -7.77 16.56
C VAL C 37 12.00 -7.06 16.13
N ARG C 38 11.01 -6.96 17.02
CA ARG C 38 9.80 -6.25 16.65
C ARG C 38 9.52 -5.11 17.61
N GLN C 39 8.68 -4.18 17.17
CA GLN C 39 8.30 -3.06 17.98
C GLN C 39 6.85 -2.72 17.69
N ALA C 40 5.97 -2.94 18.68
CA ALA C 40 4.54 -2.62 18.58
C ALA C 40 4.38 -1.10 18.56
N PRO C 41 3.32 -0.57 17.90
CA PRO C 41 3.17 0.90 17.83
C PRO C 41 3.20 1.59 19.19
N GLY C 42 4.16 2.51 19.36
CA GLY C 42 4.40 3.24 20.59
C GLY C 42 5.07 2.46 21.72
N LYS C 43 5.47 1.20 21.44
CA LYS C 43 6.05 0.36 22.48
C LYS C 43 7.56 0.19 22.31
N GLY C 44 8.17 -0.58 23.19
CA GLY C 44 9.60 -0.83 23.19
C GLY C 44 9.97 -1.94 22.24
N LEU C 45 11.26 -2.20 22.13
CA LEU C 45 11.82 -3.26 21.30
C LEU C 45 11.60 -4.62 21.98
N GLU C 46 11.27 -5.62 21.18
CA GLU C 46 11.05 -6.99 21.65
C GLU C 46 11.80 -7.93 20.73
N TRP C 47 12.74 -8.69 21.28
CA TRP C 47 13.47 -9.68 20.48
C TRP C 47 12.50 -10.82 20.12
N VAL C 48 12.56 -11.32 18.90
CA VAL C 48 11.64 -12.35 18.43
C VAL C 48 12.36 -13.68 18.26
N SER C 49 13.47 -13.66 17.51
CA SER C 49 14.11 -14.88 17.11
C SER C 49 15.52 -14.62 16.64
N ALA C 50 16.39 -15.65 16.78
CA ALA C 50 17.78 -15.64 16.30
C ALA C 50 18.14 -16.96 15.63
N ILE C 51 19.09 -16.90 14.73
CA ILE C 51 19.58 -18.06 13.99
C ILE C 51 21.11 -17.94 13.85
N SER C 52 21.85 -19.06 14.05
CA SER C 52 23.31 -19.04 13.94
C SER C 52 23.68 -18.88 12.47
N GLY C 53 24.94 -18.52 12.20
CA GLY C 53 25.46 -18.34 10.85
C GLY C 53 25.17 -19.51 9.93
N SER C 54 25.33 -20.75 10.45
CA SER C 54 25.11 -21.98 9.70
C SER C 54 23.62 -22.31 9.52
N GLY C 55 22.79 -21.85 10.44
CA GLY C 55 21.36 -22.17 10.47
C GLY C 55 21.05 -23.42 11.29
N GLY C 56 22.10 -24.03 11.88
CA GLY C 56 21.98 -25.22 12.72
C GLY C 56 21.31 -24.98 14.06
N SER C 57 21.32 -23.72 14.54
CA SER C 57 20.70 -23.40 15.83
C SER C 57 19.69 -22.28 15.69
N THR C 58 18.51 -22.46 16.30
CA THR C 58 17.44 -21.46 16.24
C THR C 58 16.97 -21.17 17.65
N TYR C 59 16.62 -19.91 17.91
CA TYR C 59 16.19 -19.43 19.22
C TYR C 59 14.96 -18.55 19.02
N TYR C 60 14.00 -18.62 19.96
CA TYR C 60 12.72 -17.90 19.87
C TYR C 60 12.33 -17.34 21.21
N ALA C 61 11.61 -16.21 21.21
CA ALA C 61 11.05 -15.63 22.42
C ALA C 61 9.88 -16.54 22.76
N ASP C 62 9.57 -16.69 24.06
CA ASP C 62 8.45 -17.52 24.52
C ASP C 62 7.12 -17.15 23.84
N SER C 63 6.91 -15.87 23.56
CA SER C 63 5.71 -15.31 22.94
C SER C 63 5.41 -15.81 21.51
N VAL C 64 6.41 -16.37 20.81
CA VAL C 64 6.27 -16.78 19.41
C VAL C 64 6.58 -18.28 19.21
N LYS C 65 7.10 -18.96 20.25
CA LYS C 65 7.49 -20.38 20.23
C LYS C 65 6.36 -21.27 19.73
N GLY C 66 6.67 -22.10 18.72
CA GLY C 66 5.71 -23.02 18.13
C GLY C 66 4.79 -22.38 17.10
N ARG C 67 4.96 -21.07 16.84
CA ARG C 67 4.16 -20.34 15.87
C ARG C 67 5.04 -19.78 14.74
N PHE C 68 6.23 -19.29 15.10
CA PHE C 68 7.17 -18.70 14.14
C PHE C 68 8.34 -19.61 13.90
N THR C 69 8.95 -19.51 12.70
CA THR C 69 10.13 -20.27 12.31
C THR C 69 11.08 -19.34 11.59
N ILE C 70 12.31 -19.23 12.11
CA ILE C 70 13.38 -18.46 11.49
C ILE C 70 14.16 -19.45 10.66
N SER C 71 14.62 -19.01 9.49
CA SER C 71 15.45 -19.80 8.60
C SER C 71 16.33 -18.87 7.79
N ARG C 72 17.30 -19.45 7.09
CA ARG C 72 18.15 -18.64 6.24
C ARG C 72 18.56 -19.43 5.02
N ASP C 73 18.84 -18.74 3.93
CA ASP C 73 19.32 -19.34 2.69
C ASP C 73 20.64 -18.64 2.42
N ASN C 74 21.73 -19.26 2.90
CA ASN C 74 23.09 -18.71 2.80
C ASN C 74 23.56 -18.52 1.37
N SER C 75 23.12 -19.42 0.47
CA SER C 75 23.43 -19.37 -0.98
C SER C 75 22.72 -18.17 -1.65
N LYS C 76 21.66 -17.63 -1.00
CA LYS C 76 20.89 -16.50 -1.54
C LYS C 76 20.97 -15.23 -0.65
N ASN C 77 21.77 -15.27 0.45
CA ASN C 77 21.96 -14.16 1.41
C ASN C 77 20.61 -13.64 1.91
N THR C 78 19.72 -14.56 2.25
CA THR C 78 18.38 -14.17 2.70
C THR C 78 18.03 -14.82 4.00
N LEU C 79 17.47 -14.01 4.91
CA LEU C 79 16.95 -14.39 6.21
C LEU C 79 15.42 -14.43 6.09
N TYR C 80 14.79 -15.41 6.72
CA TYR C 80 13.34 -15.54 6.67
C TYR C 80 12.71 -15.61 8.05
N LEU C 81 11.45 -15.18 8.12
CA LEU C 81 10.64 -15.34 9.32
C LEU C 81 9.26 -15.82 8.86
N GLN C 82 8.99 -17.12 9.05
CA GLN C 82 7.72 -17.75 8.71
C GLN C 82 6.84 -17.53 9.93
N MET C 83 5.77 -16.72 9.80
CA MET C 83 4.89 -16.42 10.92
C MET C 83 3.57 -17.12 10.73
N ASN C 84 3.24 -18.09 11.59
CA ASN C 84 1.98 -18.83 11.53
C ASN C 84 1.14 -18.53 12.76
N SER C 85 -0.18 -18.87 12.69
CA SER C 85 -1.17 -18.67 13.77
C SER C 85 -1.05 -17.27 14.35
N LEU C 86 -0.96 -16.28 13.46
CA LEU C 86 -0.81 -14.87 13.84
C LEU C 86 -1.93 -14.39 14.72
N ARG C 87 -1.58 -13.51 15.68
CA ARG C 87 -2.52 -12.97 16.67
C ARG C 87 -2.44 -11.45 16.58
N ALA C 88 -3.48 -10.75 17.07
CA ALA C 88 -3.53 -9.28 17.07
C ALA C 88 -2.29 -8.68 17.75
N GLU C 89 -1.76 -9.34 18.84
CA GLU C 89 -0.57 -8.93 19.62
C GLU C 89 0.73 -8.89 18.78
N ASP C 90 0.77 -9.65 17.66
CA ASP C 90 1.92 -9.73 16.76
C ASP C 90 2.05 -8.49 15.85
N THR C 91 1.10 -7.54 15.96
CA THR C 91 1.14 -6.30 15.17
C THR C 91 2.36 -5.52 15.59
N ALA C 92 3.24 -5.21 14.63
CA ALA C 92 4.47 -4.47 14.94
C ALA C 92 5.25 -4.19 13.70
N VAL C 93 6.26 -3.32 13.82
CA VAL C 93 7.27 -3.16 12.78
C VAL C 93 8.29 -4.29 13.09
N TYR C 94 8.67 -5.11 12.11
CA TYR C 94 9.63 -6.21 12.29
C TYR C 94 10.93 -5.84 11.60
N TYR C 95 12.01 -5.82 12.38
CA TYR C 95 13.36 -5.50 11.91
C TYR C 95 14.20 -6.72 11.86
N CYS C 96 15.02 -6.76 10.84
CA CYS C 96 16.08 -7.69 10.55
C CYS C 96 17.31 -7.02 11.25
N ALA C 97 18.10 -7.77 12.03
CA ALA C 97 19.27 -7.21 12.72
C ALA C 97 20.45 -8.17 12.65
N LYS C 98 21.63 -7.62 12.39
CA LYS C 98 22.85 -8.40 12.22
C LYS C 98 23.70 -8.50 13.49
N GLY C 99 24.19 -9.73 13.71
CA GLY C 99 25.15 -10.11 14.75
C GLY C 99 24.69 -10.20 16.19
N SER C 100 25.65 -9.90 17.11
CA SER C 100 25.57 -9.92 18.57
C SER C 100 26.01 -8.53 19.03
N GLY C 101 25.01 -7.75 19.47
CA GLY C 101 25.18 -6.33 19.73
C GLY C 101 24.92 -5.78 18.35
N PHE C 102 23.64 -5.61 18.03
CA PHE C 102 23.14 -5.27 16.68
C PHE C 102 23.69 -3.95 16.11
N ASP C 103 24.79 -4.05 15.34
CA ASP C 103 25.42 -2.91 14.67
C ASP C 103 24.67 -2.52 13.42
N TYR C 104 23.89 -3.46 12.83
CA TYR C 104 23.13 -3.17 11.63
C TYR C 104 21.73 -3.66 11.77
N TRP C 105 20.82 -2.83 11.28
CA TRP C 105 19.39 -3.03 11.31
C TRP C 105 18.84 -2.71 9.92
N GLY C 106 17.73 -3.35 9.58
CA GLY C 106 17.00 -3.01 8.38
C GLY C 106 16.09 -1.82 8.67
N GLN C 107 15.33 -1.36 7.68
CA GLN C 107 14.40 -0.22 7.87
C GLN C 107 13.11 -0.67 8.56
N GLY C 108 12.87 -1.98 8.62
CA GLY C 108 11.68 -2.56 9.25
C GLY C 108 10.53 -2.71 8.27
N THR C 109 9.68 -3.71 8.52
CA THR C 109 8.49 -3.99 7.71
C THR C 109 7.30 -4.11 8.66
N LEU C 110 6.24 -3.37 8.37
CA LEU C 110 5.05 -3.35 9.21
C LEU C 110 4.14 -4.52 8.94
N VAL C 111 3.76 -5.19 10.02
CA VAL C 111 2.86 -6.33 9.99
C VAL C 111 1.66 -5.92 10.82
N THR C 112 0.46 -5.94 10.23
CA THR C 112 -0.77 -5.57 10.97
C THR C 112 -1.69 -6.79 10.99
N VAL C 113 -1.91 -7.36 12.19
CA VAL C 113 -2.76 -8.55 12.33
C VAL C 113 -4.08 -8.08 12.88
N SER C 114 -5.17 -8.26 12.10
CA SER C 114 -6.47 -7.78 12.49
C SER C 114 -7.61 -8.46 11.78
N SER C 115 -8.75 -8.60 12.49
CA SER C 115 -9.97 -9.17 11.89
C SER C 115 -10.71 -8.08 11.12
N ALA C 116 -10.40 -6.80 11.41
CA ALA C 116 -11.09 -5.68 10.77
C ALA C 116 -10.82 -5.63 9.25
N SER C 117 -11.79 -5.10 8.50
CA SER C 117 -11.61 -4.88 7.07
C SER C 117 -11.47 -3.36 6.90
N THR C 118 -10.75 -2.94 5.84
CA THR C 118 -10.48 -1.53 5.55
C THR C 118 -11.76 -0.69 5.57
N LYS C 119 -11.74 0.38 6.36
CA LYS C 119 -12.92 1.22 6.55
C LYS C 119 -12.46 2.66 6.78
N GLY C 120 -13.13 3.60 6.14
CA GLY C 120 -12.86 5.03 6.29
C GLY C 120 -13.44 5.56 7.58
N PRO C 121 -12.98 6.73 8.05
CA PRO C 121 -13.45 7.21 9.37
C PRO C 121 -14.76 7.96 9.41
N SER C 122 -15.36 7.98 10.62
CA SER C 122 -16.50 8.81 11.04
C SER C 122 -15.83 9.99 11.75
N VAL C 123 -16.33 11.21 11.52
CA VAL C 123 -15.69 12.39 12.09
C VAL C 123 -16.72 13.14 12.90
N PHE C 124 -16.34 13.55 14.13
CA PHE C 124 -17.22 14.29 15.02
C PHE C 124 -16.56 15.56 15.47
N PRO C 125 -17.20 16.71 15.23
CA PRO C 125 -16.62 17.98 15.72
C PRO C 125 -16.67 18.12 17.25
N LEU C 126 -15.64 18.79 17.80
CA LEU C 126 -15.53 19.13 19.23
C LEU C 126 -15.60 20.64 19.23
N ALA C 127 -16.80 21.17 19.49
CA ALA C 127 -17.11 22.58 19.39
C ALA C 127 -16.86 23.38 20.67
N PRO C 128 -16.40 24.66 20.55
CA PRO C 128 -16.23 25.47 21.77
C PRO C 128 -17.57 26.05 22.24
N SER C 129 -17.59 26.65 23.47
CA SER C 129 -18.75 27.28 24.11
C SER C 129 -19.38 28.38 23.23
N GLY C 136 -9.45 34.43 26.76
CA GLY C 136 -9.51 34.85 25.38
C GLY C 136 -9.12 33.78 24.37
N THR C 137 -8.91 32.53 24.84
CA THR C 137 -8.53 31.36 24.02
C THR C 137 -9.59 30.25 24.11
N ALA C 138 -9.94 29.68 22.96
CA ALA C 138 -10.89 28.57 22.84
C ALA C 138 -10.18 27.39 22.23
N ALA C 139 -10.65 26.18 22.55
CA ALA C 139 -10.15 24.98 21.93
C ALA C 139 -11.27 24.39 21.08
N LEU C 140 -10.91 23.83 19.94
CA LEU C 140 -11.85 23.12 19.08
C LEU C 140 -11.17 21.90 18.52
N GLY C 141 -11.93 20.91 18.10
CA GLY C 141 -11.28 19.72 17.63
C GLY C 141 -12.18 18.84 16.79
N CYS C 142 -11.66 17.65 16.47
CA CYS C 142 -12.36 16.65 15.67
C CYS C 142 -11.99 15.29 16.20
N LEU C 143 -12.99 14.46 16.49
CA LEU C 143 -12.82 13.05 16.86
C LEU C 143 -12.85 12.30 15.54
N VAL C 144 -11.85 11.49 15.27
CA VAL C 144 -11.73 10.74 14.02
C VAL C 144 -11.76 9.31 14.49
N GLU C 145 -12.81 8.58 14.14
CA GLU C 145 -13.00 7.24 14.70
C GLU C 145 -13.41 6.24 13.66
N ASP C 146 -13.48 4.97 14.09
CA ASP C 146 -14.00 3.83 13.33
C ASP C 146 -13.30 3.61 11.99
N TYR C 147 -11.99 3.78 11.96
CA TYR C 147 -11.24 3.54 10.72
C TYR C 147 -10.25 2.42 10.86
N PHE C 148 -9.86 1.85 9.72
CA PHE C 148 -8.86 0.80 9.67
C PHE C 148 -8.37 0.68 8.24
N PRO C 149 -7.06 0.49 8.00
CA PRO C 149 -5.95 0.47 8.97
C PRO C 149 -5.45 1.90 9.23
N GLU C 150 -4.40 2.03 10.01
CA GLU C 150 -3.72 3.32 10.19
C GLU C 150 -2.94 3.60 8.89
N PRO C 151 -2.60 4.87 8.55
CA PRO C 151 -2.87 6.11 9.29
C PRO C 151 -4.00 6.94 8.69
N VAL C 152 -4.43 7.97 9.43
CA VAL C 152 -5.30 9.02 8.92
C VAL C 152 -4.43 10.26 8.99
N THR C 153 -4.70 11.26 8.16
CA THR C 153 -3.99 12.53 8.28
C THR C 153 -5.05 13.55 8.58
N VAL C 154 -4.75 14.47 9.49
CA VAL C 154 -5.68 15.53 9.86
C VAL C 154 -4.98 16.86 9.63
N SER C 155 -5.61 17.75 8.86
CA SER C 155 -5.11 19.10 8.69
C SER C 155 -6.24 20.05 9.07
N TRP C 156 -5.89 21.28 9.32
CA TRP C 156 -6.85 22.32 9.71
C TRP C 156 -6.79 23.38 8.66
N ASN C 157 -7.98 23.77 8.15
CA ASN C 157 -8.13 24.77 7.08
C ASN C 157 -7.20 24.53 5.88
N SER C 158 -7.18 23.28 5.38
CA SER C 158 -6.36 22.81 4.25
C SER C 158 -4.86 23.05 4.46
N GLY C 159 -4.41 23.02 5.71
CA GLY C 159 -3.01 23.26 6.06
C GLY C 159 -2.66 24.70 6.37
N ALA C 160 -3.61 25.66 6.23
CA ALA C 160 -3.36 27.07 6.57
C ALA C 160 -3.20 27.29 8.08
N LEU C 161 -3.79 26.40 8.91
CA LEU C 161 -3.70 26.47 10.37
C LEU C 161 -2.85 25.30 10.85
N THR C 162 -1.63 25.59 11.33
CA THR C 162 -0.71 24.55 11.82
C THR C 162 -0.25 24.81 13.27
N SER C 163 -0.10 26.09 13.65
CA SER C 163 0.35 26.47 14.99
C SER C 163 -0.71 26.16 16.04
N GLY C 164 -0.29 25.44 17.08
CA GLY C 164 -1.16 25.06 18.19
C GLY C 164 -2.01 23.85 17.90
N VAL C 165 -1.76 23.17 16.78
CA VAL C 165 -2.48 21.94 16.44
C VAL C 165 -1.80 20.77 17.16
N HIS C 166 -2.59 19.93 17.81
CA HIS C 166 -2.11 18.70 18.44
C HIS C 166 -2.98 17.57 17.99
N THR C 167 -2.37 16.61 17.29
CA THR C 167 -3.08 15.42 16.84
C THR C 167 -2.59 14.30 17.73
N PHE C 168 -3.52 13.64 18.40
CA PHE C 168 -3.21 12.60 19.33
C PHE C 168 -2.93 11.26 18.66
N PRO C 169 -2.08 10.42 19.28
CA PRO C 169 -1.87 9.07 18.70
C PRO C 169 -3.19 8.29 18.66
N ALA C 170 -3.33 7.41 17.68
CA ALA C 170 -4.56 6.63 17.57
C ALA C 170 -4.56 5.52 18.59
N VAL C 171 -5.77 5.16 19.03
CA VAL C 171 -5.98 4.09 19.98
CA VAL C 171 -6.03 4.11 20.01
C VAL C 171 -6.82 2.99 19.32
N LEU C 172 -6.34 1.77 19.45
CA LEU C 172 -7.03 0.60 18.91
C LEU C 172 -8.17 0.24 19.86
N GLN C 173 -9.41 0.19 19.34
CA GLN C 173 -10.62 -0.14 20.11
C GLN C 173 -10.91 -1.66 20.01
N SER C 174 -11.89 -2.17 20.82
CA SER C 174 -12.30 -3.59 20.83
C SER C 174 -12.85 -4.04 19.48
N SER C 175 -13.40 -3.08 18.71
CA SER C 175 -13.96 -3.26 17.37
C SER C 175 -12.87 -3.66 16.36
N GLY C 176 -11.62 -3.36 16.68
CA GLY C 176 -10.48 -3.53 15.80
C GLY C 176 -10.27 -2.26 14.98
N LEU C 177 -11.05 -1.23 15.26
CA LEU C 177 -10.93 0.05 14.56
C LEU C 177 -10.24 1.09 15.42
N TYR C 178 -9.59 2.06 14.78
CA TYR C 178 -8.85 3.09 15.47
C TYR C 178 -9.68 4.35 15.67
N SER C 179 -9.28 5.13 16.67
CA SER C 179 -9.84 6.42 17.04
C SER C 179 -8.69 7.35 17.41
N LEU C 180 -8.87 8.63 17.13
CA LEU C 180 -7.94 9.70 17.54
C LEU C 180 -8.67 11.00 17.59
N SER C 181 -8.01 12.04 18.10
CA SER C 181 -8.56 13.40 18.15
C SER C 181 -7.49 14.32 17.64
N SER C 182 -7.91 15.44 17.08
CA SER C 182 -7.02 16.52 16.69
C SER C 182 -7.66 17.76 17.26
N VAL C 183 -6.87 18.60 17.90
CA VAL C 183 -7.35 19.80 18.56
C VAL C 183 -6.52 20.98 18.13
N VAL C 184 -7.08 22.18 18.24
CA VAL C 184 -6.37 23.42 17.93
C VAL C 184 -6.88 24.50 18.88
N THR C 185 -5.98 25.39 19.33
CA THR C 185 -6.41 26.51 20.18
C THR C 185 -6.43 27.72 19.31
N VAL C 186 -7.46 28.55 19.46
CA VAL C 186 -7.64 29.72 18.61
C VAL C 186 -8.13 30.89 19.48
N PRO C 187 -8.08 32.15 18.98
CA PRO C 187 -8.65 33.25 19.77
C PRO C 187 -10.17 33.06 19.86
N SER C 188 -10.72 33.19 21.06
CA SER C 188 -12.16 33.04 21.22
C SER C 188 -12.93 34.16 20.51
N SER C 189 -12.27 35.32 20.26
CA SER C 189 -12.86 36.44 19.52
C SER C 189 -13.02 36.14 18.02
N SER C 190 -12.35 35.10 17.50
CA SER C 190 -12.39 34.72 16.09
C SER C 190 -13.57 33.77 15.76
N LEU C 191 -14.22 33.20 16.79
CA LEU C 191 -15.22 32.14 16.62
C LEU C 191 -16.48 32.52 15.81
N GLY C 192 -16.86 33.79 15.77
CA GLY C 192 -18.04 34.16 15.00
C GLY C 192 -17.78 34.46 13.54
N THR C 193 -16.49 34.74 13.20
CA THR C 193 -16.08 35.17 11.86
C THR C 193 -15.15 34.21 11.12
N GLN C 194 -14.21 33.58 11.82
CA GLN C 194 -13.28 32.67 11.17
C GLN C 194 -13.86 31.25 11.04
N THR C 195 -13.74 30.66 9.85
CA THR C 195 -14.18 29.30 9.59
C THR C 195 -13.05 28.34 10.01
N TYR C 196 -13.40 27.23 10.70
CA TYR C 196 -12.44 26.22 11.15
C TYR C 196 -12.94 24.92 10.66
N ILE C 197 -12.15 24.29 9.80
CA ILE C 197 -12.50 23.03 9.16
C ILE C 197 -11.38 22.04 9.40
N CYS C 198 -11.74 20.82 9.83
CA CYS C 198 -10.72 19.79 9.92
C CYS C 198 -10.86 18.91 8.68
N ASN C 199 -9.73 18.64 8.04
CA ASN C 199 -9.65 17.85 6.83
C ASN C 199 -9.05 16.51 7.20
N VAL C 200 -9.84 15.46 7.02
CA VAL C 200 -9.46 14.10 7.36
C VAL C 200 -9.24 13.29 6.08
N ASN C 201 -8.06 12.69 5.94
CA ASN C 201 -7.73 11.90 4.78
C ASN C 201 -7.41 10.47 5.22
N HIS C 202 -8.03 9.47 4.57
CA HIS C 202 -7.71 8.10 4.91
C HIS C 202 -7.43 7.39 3.59
N LYS C 203 -6.15 7.43 3.16
CA LYS C 203 -5.73 6.84 1.90
C LYS C 203 -6.08 5.34 1.76
N PRO C 204 -5.93 4.47 2.80
CA PRO C 204 -6.24 3.04 2.59
C PRO C 204 -7.67 2.74 2.13
N SER C 205 -8.65 3.61 2.48
CA SER C 205 -10.03 3.40 2.05
C SER C 205 -10.45 4.32 0.87
N ASN C 206 -9.55 5.24 0.42
CA ASN C 206 -9.82 6.24 -0.61
C ASN C 206 -10.97 7.16 -0.18
N THR C 207 -10.96 7.55 1.10
CA THR C 207 -11.99 8.45 1.65
C THR C 207 -11.31 9.71 2.21
N LYS C 208 -12.03 10.83 2.16
CA LYS C 208 -11.61 12.14 2.62
C LYS C 208 -12.85 12.87 3.15
N VAL C 209 -12.71 13.57 4.28
CA VAL C 209 -13.86 14.21 4.92
C VAL C 209 -13.45 15.60 5.35
N ASP C 210 -14.37 16.55 5.25
CA ASP C 210 -14.21 17.90 5.77
C ASP C 210 -15.27 18.08 6.85
N GLU C 211 -14.89 18.62 7.99
CA GLU C 211 -15.86 18.85 9.06
C GLU C 211 -15.70 20.27 9.52
N LYS C 212 -16.73 21.11 9.30
CA LYS C 212 -16.70 22.50 9.74
C LYS C 212 -17.01 22.47 11.25
N VAL C 213 -16.13 23.06 12.05
CA VAL C 213 -16.27 23.02 13.50
C VAL C 213 -16.75 24.38 13.96
N GLU C 214 -18.01 24.46 14.40
CA GLU C 214 -18.52 25.76 14.86
C GLU C 214 -19.25 25.66 16.21
N PRO C 215 -19.29 26.76 17.03
CA PRO C 215 -20.06 26.69 18.29
C PRO C 215 -21.55 26.64 17.99
N LYS C 216 -22.34 25.94 18.82
CA LYS C 216 -23.79 25.82 18.63
C LYS C 216 -24.54 26.81 19.54
N SER C 217 -25.44 27.62 18.93
CA SER C 217 -26.27 28.61 19.63
C SER C 217 -27.58 28.85 18.89
N GLU D 1 15.68 -16.92 31.79
CA GLU D 1 15.14 -15.67 31.25
C GLU D 1 15.63 -14.47 32.08
N ILE D 2 16.63 -13.73 31.56
CA ILE D 2 17.21 -12.56 32.21
C ILE D 2 16.30 -11.37 31.98
N VAL D 3 15.82 -10.75 33.05
CA VAL D 3 14.93 -9.59 32.96
C VAL D 3 15.81 -8.38 33.19
N LEU D 4 15.76 -7.43 32.24
CA LEU D 4 16.54 -6.20 32.32
C LEU D 4 15.59 -5.09 32.72
N THR D 5 15.91 -4.38 33.80
CA THR D 5 15.13 -3.27 34.31
C THR D 5 15.93 -2.02 34.18
N GLN D 6 15.41 -1.09 33.42
CA GLN D 6 16.06 0.18 33.18
C GLN D 6 15.50 1.21 34.12
N SER D 7 16.36 2.11 34.61
CA SER D 7 16.03 3.19 35.54
C SER D 7 16.78 4.46 35.13
N PRO D 8 16.14 5.65 35.25
CA PRO D 8 14.71 5.87 35.55
C PRO D 8 13.90 5.66 34.27
N GLY D 9 12.57 5.74 34.34
CA GLY D 9 11.74 5.60 33.16
C GLY D 9 11.97 6.78 32.22
N THR D 10 12.06 7.98 32.83
CA THR D 10 12.30 9.23 32.13
C THR D 10 13.36 10.00 32.89
N LEU D 11 14.31 10.56 32.14
CA LEU D 11 15.40 11.39 32.63
C LEU D 11 15.11 12.77 32.01
N SER D 12 14.81 13.78 32.85
CA SER D 12 14.48 15.13 32.40
C SER D 12 15.70 16.00 32.57
N LEU D 13 16.32 16.39 31.45
CA LEU D 13 17.55 17.15 31.51
C LEU D 13 17.63 18.25 30.48
N SER D 14 18.63 19.13 30.64
CA SER D 14 18.93 20.27 29.76
C SER D 14 20.19 19.97 28.94
N PRO D 15 20.30 20.49 27.69
CA PRO D 15 21.55 20.29 26.92
C PRO D 15 22.78 20.77 27.71
N GLY D 16 23.80 19.93 27.77
CA GLY D 16 25.02 20.24 28.51
C GLY D 16 25.17 19.47 29.81
N GLU D 17 24.07 18.95 30.35
CA GLU D 17 24.06 18.18 31.60
C GLU D 17 24.52 16.73 31.35
N ARG D 18 24.93 16.04 32.43
CA ARG D 18 25.34 14.63 32.37
C ARG D 18 24.11 13.74 32.57
N ALA D 19 23.94 12.73 31.69
CA ALA D 19 22.86 11.76 31.77
C ALA D 19 23.42 10.42 32.22
N THR D 20 22.82 9.81 33.26
CA THR D 20 23.25 8.52 33.81
C THR D 20 22.06 7.59 33.74
N LEU D 21 22.18 6.55 32.93
CA LEU D 21 21.10 5.59 32.68
C LEU D 21 21.50 4.25 33.25
N SER D 22 20.59 3.60 33.99
CA SER D 22 20.92 2.31 34.61
C SER D 22 20.18 1.18 33.95
N CYS D 23 20.83 0.02 33.91
CA CYS D 23 20.28 -1.22 33.42
C CYS D 23 20.66 -2.26 34.48
N ARG D 24 19.65 -2.87 35.10
CA ARG D 24 19.87 -3.87 36.14
C ARG D 24 19.28 -5.20 35.72
N ALA D 25 20.07 -6.27 35.84
CA ALA D 25 19.69 -7.60 35.39
C ALA D 25 19.30 -8.51 36.54
N SER D 26 18.23 -9.29 36.33
CA SER D 26 17.69 -10.20 37.36
C SER D 26 18.72 -11.28 37.74
N GLN D 27 19.69 -11.53 36.84
CA GLN D 27 20.76 -12.52 37.01
C GLN D 27 22.03 -11.95 36.39
N SER D 28 23.20 -12.47 36.76
CA SER D 28 24.48 -12.03 36.20
C SER D 28 24.52 -12.23 34.66
N VAL D 29 24.84 -11.16 33.89
CA VAL D 29 24.90 -11.16 32.43
C VAL D 29 26.24 -11.76 32.06
N SER D 30 26.19 -12.92 31.35
CA SER D 30 27.37 -13.67 30.96
C SER D 30 28.31 -12.88 30.07
N SER D 31 29.58 -12.72 30.56
CA SER D 31 30.72 -12.07 29.91
C SER D 31 30.45 -10.62 29.49
N SER D 32 29.61 -9.90 30.27
CA SER D 32 29.29 -8.50 29.96
C SER D 32 28.76 -8.31 28.49
N TYR D 33 28.02 -9.33 27.96
CA TYR D 33 27.39 -9.28 26.63
C TYR D 33 26.18 -8.38 26.76
N LEU D 34 26.45 -7.11 26.95
CA LEU D 34 25.43 -6.09 27.17
C LEU D 34 25.63 -4.98 26.18
N ALA D 35 24.57 -4.64 25.47
CA ALA D 35 24.58 -3.56 24.50
C ALA D 35 23.64 -2.46 24.89
N TRP D 36 23.94 -1.24 24.40
CA TRP D 36 23.07 -0.07 24.55
C TRP D 36 22.73 0.46 23.16
N TYR D 37 21.47 0.86 22.95
CA TYR D 37 20.93 1.42 21.70
C TYR D 37 20.22 2.74 21.89
N GLN D 38 20.31 3.60 20.87
CA GLN D 38 19.58 4.86 20.87
C GLN D 38 18.45 4.70 19.81
N GLN D 39 17.25 5.25 20.07
CA GLN D 39 16.17 5.22 19.08
C GLN D 39 15.42 6.52 19.02
N LYS D 40 15.46 7.15 17.85
CA LYS D 40 14.77 8.40 17.55
C LYS D 40 13.44 8.08 16.82
N PRO D 41 12.41 8.99 16.86
CA PRO D 41 11.13 8.69 16.19
C PRO D 41 11.26 8.49 14.69
N GLY D 42 10.58 7.45 14.20
CA GLY D 42 10.59 7.06 12.79
C GLY D 42 11.87 6.43 12.31
N GLN D 43 12.78 6.06 13.23
CA GLN D 43 14.06 5.46 12.88
C GLN D 43 14.26 4.11 13.57
N ALA D 44 15.12 3.29 12.99
CA ALA D 44 15.54 2.01 13.53
C ALA D 44 16.48 2.33 14.71
N PRO D 45 16.61 1.44 15.72
CA PRO D 45 17.58 1.71 16.79
C PRO D 45 19.02 1.73 16.23
N ARG D 46 19.91 2.40 16.94
CA ARG D 46 21.32 2.52 16.57
C ARG D 46 22.18 2.01 17.74
N LEU D 47 23.13 1.09 17.44
CA LEU D 47 24.06 0.59 18.45
C LEU D 47 24.99 1.71 18.97
N LEU D 48 25.05 1.90 20.30
CA LEU D 48 25.92 2.89 20.93
C LEU D 48 27.13 2.21 21.55
N ILE D 49 26.87 1.16 22.35
CA ILE D 49 27.88 0.42 23.14
C ILE D 49 27.63 -1.06 22.99
N TYR D 50 28.68 -1.86 22.87
CA TYR D 50 28.60 -3.33 22.86
C TYR D 50 29.66 -3.84 23.83
N GLY D 51 29.49 -5.05 24.37
CA GLY D 51 30.45 -5.62 25.33
C GLY D 51 30.56 -4.78 26.59
N ALA D 52 29.43 -4.15 26.97
CA ALA D 52 29.23 -3.29 28.15
C ALA D 52 29.96 -1.97 28.10
N SER D 53 31.18 -1.90 27.51
CA SER D 53 31.99 -0.68 27.55
C SER D 53 32.63 -0.24 26.22
N SER D 54 32.46 -1.00 25.14
CA SER D 54 33.07 -0.63 23.87
C SER D 54 32.16 0.27 23.03
N ARG D 55 32.66 1.46 22.62
CA ARG D 55 31.89 2.38 21.77
C ARG D 55 31.79 1.80 20.37
N ALA D 56 30.57 1.78 19.79
CA ALA D 56 30.35 1.32 18.42
C ALA D 56 30.99 2.36 17.48
N THR D 57 31.28 1.96 16.23
CA THR D 57 31.92 2.88 15.27
C THR D 57 30.98 4.03 14.89
N GLY D 58 31.52 5.24 14.90
CA GLY D 58 30.77 6.45 14.56
C GLY D 58 30.03 7.05 15.74
N ILE D 59 30.20 6.46 16.94
CA ILE D 59 29.53 6.94 18.16
C ILE D 59 30.40 7.99 18.85
N PRO D 60 29.89 9.21 19.12
CA PRO D 60 30.74 10.23 19.78
C PRO D 60 31.30 9.80 21.14
N ASP D 61 32.44 10.40 21.50
CA ASP D 61 33.17 10.20 22.74
C ASP D 61 32.39 10.51 24.01
N ARG D 62 31.31 11.33 23.93
CA ARG D 62 30.45 11.68 25.08
C ARG D 62 29.65 10.47 25.63
N PHE D 63 29.47 9.41 24.81
CA PHE D 63 28.77 8.17 25.18
C PHE D 63 29.77 7.18 25.76
N SER D 64 29.47 6.65 26.95
CA SER D 64 30.34 5.64 27.56
C SER D 64 29.54 4.61 28.34
N GLY D 65 29.99 3.37 28.27
CA GLY D 65 29.34 2.27 28.95
C GLY D 65 30.22 1.71 30.04
N SER D 66 29.61 1.28 31.16
CA SER D 66 30.35 0.64 32.24
C SER D 66 29.48 -0.42 32.94
N GLY D 67 30.09 -1.23 33.79
CA GLY D 67 29.35 -2.22 34.55
C GLY D 67 29.69 -3.65 34.20
N SER D 68 29.10 -4.57 34.98
CA SER D 68 29.33 -6.02 34.86
C SER D 68 28.33 -6.74 35.71
N GLY D 69 28.17 -8.03 35.47
CA GLY D 69 27.26 -8.87 36.22
C GLY D 69 25.80 -8.46 36.07
N THR D 70 25.25 -7.87 37.15
CA THR D 70 23.83 -7.44 37.22
C THR D 70 23.63 -5.89 37.05
N ASP D 71 24.71 -5.08 37.02
CA ASP D 71 24.50 -3.63 36.95
C ASP D 71 25.33 -2.97 35.87
N PHE D 72 24.66 -2.23 34.97
CA PHE D 72 25.28 -1.52 33.86
C PHE D 72 24.80 -0.10 33.79
N THR D 73 25.67 0.76 33.27
CA THR D 73 25.35 2.18 33.17
C THR D 73 25.77 2.74 31.82
N LEU D 74 24.91 3.58 31.24
CA LEU D 74 25.27 4.34 30.05
C LEU D 74 25.39 5.78 30.55
N THR D 75 26.50 6.42 30.24
CA THR D 75 26.77 7.80 30.63
C THR D 75 26.87 8.65 29.38
N ILE D 76 26.19 9.79 29.39
CA ILE D 76 26.29 10.81 28.33
C ILE D 76 26.84 11.99 29.12
N SER D 77 28.15 12.23 29.01
CA SER D 77 28.88 13.24 29.79
C SER D 77 28.32 14.66 29.68
N ARG D 78 27.97 15.07 28.46
CA ARG D 78 27.45 16.41 28.16
C ARG D 78 26.44 16.30 27.00
N LEU D 79 25.15 16.30 27.32
CA LEU D 79 24.05 16.17 26.37
C LEU D 79 23.99 17.20 25.25
N GLU D 80 23.96 16.72 24.01
CA GLU D 80 23.77 17.56 22.82
C GLU D 80 22.25 17.52 22.52
N PRO D 81 21.66 18.50 21.79
CA PRO D 81 20.20 18.43 21.52
C PRO D 81 19.75 17.16 20.78
N GLU D 82 20.63 16.57 19.96
CA GLU D 82 20.37 15.33 19.22
C GLU D 82 20.32 14.07 20.12
N ASP D 83 20.70 14.19 21.40
CA ASP D 83 20.74 13.06 22.34
C ASP D 83 19.39 12.78 23.00
N PHE D 84 18.42 13.69 22.85
CA PHE D 84 17.10 13.49 23.44
C PHE D 84 16.35 12.47 22.59
N ALA D 85 16.25 11.23 23.12
CA ALA D 85 15.73 10.04 22.45
C ALA D 85 15.42 8.96 23.51
N VAL D 86 15.07 7.76 23.05
CA VAL D 86 14.82 6.60 23.91
C VAL D 86 16.08 5.73 23.85
N TYR D 87 16.48 5.18 25.01
CA TYR D 87 17.67 4.35 25.11
C TYR D 87 17.31 2.98 25.63
N TYR D 88 17.82 1.93 25.01
CA TYR D 88 17.52 0.56 25.41
C TYR D 88 18.81 -0.15 25.74
N CYS D 89 18.75 -1.06 26.72
CA CYS D 89 19.83 -1.99 27.00
C CYS D 89 19.34 -3.37 26.50
N GLN D 90 20.28 -4.28 26.21
CA GLN D 90 19.98 -5.61 25.73
C GLN D 90 21.10 -6.58 26.12
N GLN D 91 20.75 -7.77 26.60
CA GLN D 91 21.79 -8.79 26.85
C GLN D 91 21.74 -9.78 25.70
N TYR D 92 22.91 -10.19 25.20
CA TYR D 92 22.99 -11.11 24.06
C TYR D 92 23.89 -12.32 24.36
N GLY D 93 24.02 -12.62 25.65
CA GLY D 93 24.84 -13.72 26.15
C GLY D 93 24.09 -15.03 26.23
N SER D 94 22.79 -14.99 26.51
CA SER D 94 21.99 -16.20 26.63
C SER D 94 20.57 -16.01 26.16
N SER D 95 20.02 -17.07 25.54
CA SER D 95 18.66 -17.07 25.00
C SER D 95 17.65 -17.32 26.13
N PRO D 96 16.49 -16.62 26.12
CA PRO D 96 16.07 -15.61 25.13
C PRO D 96 16.79 -14.26 25.28
N LEU D 97 17.13 -13.62 24.15
CA LEU D 97 17.78 -12.33 24.22
C LEU D 97 16.71 -11.32 24.61
N THR D 98 17.02 -10.52 25.59
CA THR D 98 16.02 -9.61 26.13
C THR D 98 16.53 -8.20 26.09
N PHE D 99 15.58 -7.26 25.93
CA PHE D 99 15.82 -5.83 25.97
C PHE D 99 15.25 -5.30 27.28
N GLY D 100 15.81 -4.20 27.74
CA GLY D 100 15.24 -3.44 28.84
C GLY D 100 14.01 -2.76 28.27
N GLN D 101 13.14 -2.20 29.13
CA GLN D 101 11.90 -1.54 28.68
C GLN D 101 12.12 -0.12 28.14
N GLY D 102 13.33 0.39 28.25
CA GLY D 102 13.67 1.70 27.71
C GLY D 102 13.61 2.83 28.68
N THR D 103 14.44 3.84 28.44
CA THR D 103 14.54 5.08 29.21
C THR D 103 14.45 6.22 28.19
N LYS D 104 13.57 7.17 28.46
CA LYS D 104 13.40 8.34 27.63
C LYS D 104 14.22 9.48 28.22
N VAL D 105 15.10 10.08 27.43
CA VAL D 105 15.85 11.26 27.82
C VAL D 105 15.05 12.44 27.20
N GLU D 106 14.35 13.18 28.08
CA GLU D 106 13.46 14.29 27.74
C GLU D 106 14.07 15.66 28.08
N ILE D 107 13.77 16.70 27.26
CA ILE D 107 14.25 18.06 27.47
C ILE D 107 13.48 18.68 28.64
N LYS D 108 14.20 19.11 29.66
CA LYS D 108 13.60 19.76 30.82
C LYS D 108 13.31 21.22 30.46
N ARG D 109 12.22 21.75 31.03
CA ARG D 109 11.85 23.15 30.88
C ARG D 109 11.15 23.55 32.17
N THR D 110 10.79 24.83 32.27
CA THR D 110 10.08 25.34 33.43
C THR D 110 8.68 24.74 33.52
N VAL D 111 8.16 24.66 34.73
CA VAL D 111 6.82 24.16 34.98
C VAL D 111 5.79 25.04 34.25
N ALA D 112 4.87 24.42 33.48
CA ALA D 112 3.80 25.12 32.80
C ALA D 112 2.51 24.39 33.15
N ALA D 113 1.55 25.13 33.70
CA ALA D 113 0.25 24.60 34.07
C ALA D 113 -0.57 24.30 32.79
N PRO D 114 -1.38 23.24 32.74
CA PRO D 114 -2.22 23.01 31.54
C PRO D 114 -3.39 23.98 31.46
N SER D 115 -3.80 24.31 30.23
CA SER D 115 -5.04 25.05 30.00
C SER D 115 -6.02 23.89 29.82
N VAL D 116 -7.15 23.92 30.54
CA VAL D 116 -8.12 22.82 30.51
C VAL D 116 -9.40 23.21 29.78
N PHE D 117 -9.89 22.29 28.92
CA PHE D 117 -11.11 22.49 28.15
C PHE D 117 -11.96 21.26 28.19
N ILE D 118 -13.29 21.42 28.35
CA ILE D 118 -14.24 20.29 28.33
C ILE D 118 -15.17 20.37 27.09
N PHE D 119 -15.44 19.21 26.49
CA PHE D 119 -16.31 19.06 25.33
C PHE D 119 -17.40 18.06 25.61
N PRO D 120 -18.66 18.52 25.67
CA PRO D 120 -19.76 17.58 25.77
C PRO D 120 -19.88 16.81 24.44
N PRO D 121 -20.51 15.62 24.41
CA PRO D 121 -20.70 14.96 23.11
C PRO D 121 -21.64 15.79 22.22
N SER D 122 -21.29 15.94 20.94
CA SER D 122 -22.11 16.64 19.93
C SER D 122 -23.42 15.89 19.70
N ASP D 123 -24.40 16.53 19.06
CA ASP D 123 -25.66 15.85 18.72
C ASP D 123 -25.40 14.75 17.71
N LYS D 124 -24.41 14.98 16.81
CA LYS D 124 -24.02 13.99 15.82
C LYS D 124 -23.44 12.70 16.50
N LYS D 125 -22.63 12.87 17.56
CA LYS D 125 -22.04 11.77 18.33
C LYS D 125 -23.13 11.02 19.11
N LEU D 126 -24.01 11.74 19.80
CA LEU D 126 -25.13 11.12 20.54
C LEU D 126 -26.05 10.27 19.64
N LYS D 127 -26.27 10.73 18.38
CA LYS D 127 -27.05 10.04 17.34
C LYS D 127 -26.45 8.66 17.00
N SER D 128 -25.13 8.51 17.12
CA SER D 128 -24.43 7.23 16.91
C SER D 128 -24.63 6.24 18.11
N GLY D 129 -25.33 6.69 19.17
CA GLY D 129 -25.65 5.92 20.38
C GLY D 129 -24.55 5.92 21.45
N THR D 130 -23.53 6.78 21.29
CA THR D 130 -22.40 6.88 22.21
C THR D 130 -22.21 8.31 22.69
N ALA D 131 -21.81 8.47 23.96
CA ALA D 131 -21.53 9.76 24.54
C ALA D 131 -20.08 9.75 24.93
N SER D 132 -19.24 10.47 24.16
CA SER D 132 -17.81 10.62 24.39
C SER D 132 -17.66 12.00 25.00
N VAL D 133 -17.15 12.07 26.24
CA VAL D 133 -16.97 13.36 26.90
C VAL D 133 -15.49 13.58 26.87
N VAL D 134 -15.06 14.70 26.32
CA VAL D 134 -13.64 14.94 26.14
C VAL D 134 -13.14 16.07 27.03
N CYS D 135 -12.01 15.82 27.72
CA CYS D 135 -11.31 16.81 28.53
C CYS D 135 -9.89 17.01 27.96
N LEU D 136 -9.58 18.22 27.50
CA LEU D 136 -8.25 18.53 26.93
C LEU D 136 -7.37 19.29 27.95
N LEU D 137 -6.11 18.81 28.17
CA LEU D 137 -5.09 19.47 29.02
C LEU D 137 -4.06 19.97 28.03
N ASN D 138 -4.01 21.26 27.83
CA ASN D 138 -3.13 21.82 26.82
C ASN D 138 -1.86 22.46 27.31
N ASN D 139 -0.76 22.15 26.59
CA ASN D 139 0.57 22.75 26.74
C ASN D 139 1.07 22.81 28.18
N PHE D 140 1.30 21.64 28.79
CA PHE D 140 1.78 21.58 30.16
C PHE D 140 3.14 20.89 30.29
N TYR D 141 3.81 21.16 31.41
CA TYR D 141 5.10 20.54 31.75
C TYR D 141 5.28 20.56 33.27
N PRO D 142 5.69 19.44 33.93
CA PRO D 142 6.07 18.12 33.40
C PRO D 142 4.90 17.25 32.94
N ARG D 143 5.23 16.09 32.39
CA ARG D 143 4.27 15.11 31.84
C ARG D 143 3.26 14.57 32.88
N GLU D 144 3.65 14.43 34.15
CA GLU D 144 2.78 13.93 35.23
C GLU D 144 1.52 14.79 35.42
N ALA D 145 0.34 14.21 35.22
CA ALA D 145 -0.92 14.92 35.37
C ALA D 145 -2.02 13.92 35.73
N LYS D 146 -2.88 14.31 36.64
CA LYS D 146 -4.01 13.49 37.06
C LYS D 146 -5.33 14.12 36.57
N VAL D 147 -6.17 13.31 35.94
CA VAL D 147 -7.51 13.70 35.48
C VAL D 147 -8.51 12.79 36.19
N GLN D 148 -9.45 13.40 36.91
CA GLN D 148 -10.50 12.67 37.59
C GLN D 148 -11.84 13.09 36.98
N TRP D 149 -12.65 12.11 36.53
CA TRP D 149 -13.99 12.38 36.01
C TRP D 149 -14.96 12.24 37.16
N LYS D 150 -15.91 13.18 37.24
CA LYS D 150 -16.99 13.20 38.21
C LYS D 150 -18.31 13.42 37.47
N VAL D 151 -19.27 12.51 37.69
CA VAL D 151 -20.59 12.58 37.07
C VAL D 151 -21.59 12.71 38.24
N ASP D 152 -22.23 13.90 38.36
CA ASP D 152 -23.15 14.26 39.47
C ASP D 152 -22.43 14.07 40.83
N ASN D 153 -21.17 14.58 40.88
CA ASN D 153 -20.19 14.55 41.96
C ASN D 153 -19.68 13.12 42.31
N ALA D 154 -20.09 12.09 41.56
CA ALA D 154 -19.59 10.76 41.84
C ALA D 154 -18.32 10.47 41.03
N LEU D 155 -17.22 10.10 41.73
CA LEU D 155 -15.91 9.78 41.14
C LEU D 155 -16.02 8.57 40.23
N GLN D 156 -15.54 8.72 39.00
CA GLN D 156 -15.56 7.68 37.97
C GLN D 156 -14.29 6.82 37.95
N SER D 157 -14.44 5.53 37.54
CA SER D 157 -13.36 4.54 37.41
C SER D 157 -13.68 3.53 36.29
N GLY D 158 -12.65 3.17 35.51
CA GLY D 158 -12.75 2.18 34.43
C GLY D 158 -13.58 2.52 33.22
N ASN D 159 -13.93 3.82 33.03
CA ASN D 159 -14.74 4.24 31.88
C ASN D 159 -14.10 5.44 31.12
N SER D 160 -12.78 5.60 31.24
CA SER D 160 -12.07 6.69 30.52
C SER D 160 -10.77 6.19 29.90
N GLN D 161 -10.30 6.87 28.84
CA GLN D 161 -9.03 6.54 28.14
C GLN D 161 -8.27 7.85 27.99
N GLU D 162 -6.95 7.80 28.17
CA GLU D 162 -6.07 8.97 28.02
C GLU D 162 -5.11 8.79 26.88
N SER D 163 -4.86 9.86 26.11
CA SER D 163 -3.86 9.91 25.02
C SER D 163 -3.00 11.15 25.25
N VAL D 164 -1.67 11.03 25.04
CA VAL D 164 -0.74 12.15 25.23
C VAL D 164 0.07 12.35 23.96
N THR D 165 0.39 13.60 23.62
CA THR D 165 1.22 13.89 22.47
C THR D 165 2.68 13.68 22.88
N GLU D 166 3.58 13.69 21.89
CA GLU D 166 5.01 13.66 22.16
C GLU D 166 5.34 15.09 22.59
N GLN D 167 6.50 15.30 23.20
CA GLN D 167 6.94 16.62 23.64
C GLN D 167 7.04 17.57 22.42
N ASP D 168 6.45 18.76 22.53
CA ASP D 168 6.45 19.76 21.48
C ASP D 168 7.86 20.22 21.07
N SER D 169 8.13 20.21 19.76
CA SER D 169 9.42 20.59 19.16
C SER D 169 9.82 22.05 19.47
N LYS D 170 8.84 22.97 19.65
CA LYS D 170 9.08 24.39 19.92
C LYS D 170 9.07 24.77 21.41
N ASP D 171 7.97 24.47 22.15
CA ASP D 171 7.85 24.89 23.55
C ASP D 171 8.14 23.77 24.59
N SER D 172 8.50 22.54 24.14
CA SER D 172 8.82 21.37 24.98
C SER D 172 7.68 20.94 25.94
N THR D 173 6.43 21.25 25.59
CA THR D 173 5.28 20.86 26.43
C THR D 173 4.58 19.59 25.92
N TYR D 174 3.61 19.11 26.70
CA TYR D 174 2.76 17.97 26.37
C TYR D 174 1.32 18.44 26.35
N SER D 175 0.47 17.72 25.62
CA SER D 175 -0.97 17.92 25.64
C SER D 175 -1.56 16.55 25.85
N LEU D 176 -2.68 16.50 26.57
CA LEU D 176 -3.32 15.24 26.95
C LEU D 176 -4.81 15.33 26.66
N SER D 177 -5.39 14.23 26.17
CA SER D 177 -6.80 14.11 25.90
C SER D 177 -7.34 13.00 26.81
N SER D 178 -8.33 13.30 27.64
CA SER D 178 -8.99 12.26 28.45
C SER D 178 -10.42 12.16 27.93
N THR D 179 -10.88 10.92 27.61
CA THR D 179 -12.23 10.70 27.08
C THR D 179 -13.02 9.79 28.00
N LEU D 180 -14.13 10.31 28.51
CA LEU D 180 -15.09 9.59 29.32
C LEU D 180 -16.09 8.95 28.35
N THR D 181 -16.25 7.63 28.42
CA THR D 181 -17.17 6.96 27.50
C THR D 181 -18.29 6.24 28.22
N LEU D 182 -19.50 6.65 27.89
CA LEU D 182 -20.77 6.11 28.36
C LEU D 182 -21.63 5.82 27.13
N SER D 183 -22.61 4.94 27.28
CA SER D 183 -23.61 4.70 26.24
C SER D 183 -24.52 5.95 26.28
N LYS D 184 -25.21 6.30 25.18
CA LYS D 184 -26.14 7.43 25.17
C LYS D 184 -27.18 7.27 26.31
N ALA D 185 -27.73 6.03 26.49
CA ALA D 185 -28.72 5.77 27.51
C ALA D 185 -28.22 6.08 28.93
N ASP D 186 -26.97 5.66 29.24
CA ASP D 186 -26.34 5.94 30.54
C ASP D 186 -26.10 7.45 30.72
N TYR D 187 -25.64 8.11 29.65
CA TYR D 187 -25.35 9.54 29.60
C TYR D 187 -26.55 10.40 29.97
N GLU D 188 -27.73 10.03 29.46
CA GLU D 188 -28.97 10.74 29.69
C GLU D 188 -29.54 10.58 31.10
N LYS D 189 -28.91 9.73 31.93
CA LYS D 189 -29.35 9.52 33.30
C LYS D 189 -28.70 10.51 34.29
N HIS D 190 -27.73 11.33 33.81
CA HIS D 190 -26.99 12.25 34.67
C HIS D 190 -26.99 13.66 34.16
N LYS D 191 -26.78 14.63 35.06
CA LYS D 191 -26.84 16.05 34.72
C LYS D 191 -25.47 16.73 34.57
N VAL D 192 -24.63 16.69 35.63
CA VAL D 192 -23.34 17.39 35.67
C VAL D 192 -22.20 16.47 35.32
N TYR D 193 -21.39 16.89 34.36
CA TYR D 193 -20.19 16.18 33.91
C TYR D 193 -19.01 17.07 34.19
N ALA D 194 -18.06 16.61 35.00
CA ALA D 194 -16.91 17.42 35.37
C ALA D 194 -15.61 16.69 35.21
N CYS D 195 -14.61 17.46 34.81
CA CYS D 195 -13.26 17.01 34.62
C CYS D 195 -12.38 17.69 35.69
N GLU D 196 -11.72 16.93 36.58
CA GLU D 196 -10.87 17.52 37.62
C GLU D 196 -9.41 17.27 37.29
N VAL D 197 -8.63 18.34 37.13
CA VAL D 197 -7.22 18.27 36.74
C VAL D 197 -6.24 18.63 37.88
N THR D 198 -5.31 17.72 38.15
CA THR D 198 -4.23 17.94 39.13
C THR D 198 -2.91 17.97 38.35
N HIS D 199 -2.07 18.96 38.66
CA HIS D 199 -0.76 19.17 38.05
C HIS D 199 0.10 20.02 38.99
N GLN D 200 1.42 19.80 38.95
CA GLN D 200 2.42 20.53 39.73
C GLN D 200 2.34 22.05 39.50
N GLY D 201 1.91 22.44 38.29
CA GLY D 201 1.78 23.84 37.88
C GLY D 201 0.55 24.54 38.42
N LEU D 202 -0.39 23.76 38.99
CA LEU D 202 -1.64 24.29 39.56
C LEU D 202 -1.59 24.26 41.09
N SER D 203 -1.88 25.41 41.74
CA SER D 203 -1.84 25.49 43.22
C SER D 203 -2.99 24.68 43.88
N SER D 204 -4.11 24.52 43.16
CA SER D 204 -5.26 23.71 43.57
C SER D 204 -5.86 23.10 42.29
N PRO D 205 -6.55 21.93 42.34
CA PRO D 205 -7.05 21.31 41.10
C PRO D 205 -8.01 22.18 40.32
N VAL D 206 -7.94 22.08 38.99
CA VAL D 206 -8.83 22.86 38.14
C VAL D 206 -9.97 21.98 37.65
N THR D 207 -11.21 22.44 37.85
CA THR D 207 -12.39 21.74 37.36
C THR D 207 -13.05 22.52 36.22
N LYS D 208 -13.40 21.79 35.13
CA LYS D 208 -14.18 22.26 33.99
C LYS D 208 -15.39 21.33 33.97
N SER D 209 -16.56 21.91 33.76
CA SER D 209 -17.80 21.13 33.79
C SER D 209 -18.87 21.69 32.84
N PHE D 210 -19.95 20.91 32.65
CA PHE D 210 -21.11 21.35 31.88
C PHE D 210 -22.34 20.63 32.39
N ASN D 211 -23.52 21.17 32.05
CA ASN D 211 -24.79 20.55 32.34
C ASN D 211 -25.30 19.95 31.04
N ARG D 212 -25.61 18.66 31.08
CA ARG D 212 -26.11 17.92 29.93
C ARG D 212 -27.37 18.61 29.32
N GLY D 213 -27.37 18.78 28.00
CA GLY D 213 -28.46 19.40 27.25
C GLY D 213 -28.47 20.92 27.22
N GLU D 214 -27.53 21.58 27.91
CA GLU D 214 -27.51 23.04 27.92
C GLU D 214 -26.67 23.61 26.78
N CYS D 215 -27.13 24.74 26.22
CA CYS D 215 -26.48 25.45 25.12
C CYS D 215 -25.18 26.10 25.54
#